data_2IW6
#
_entry.id   2IW6
#
_cell.length_a   73.777
_cell.length_b   134.557
_cell.length_c   148.265
_cell.angle_alpha   90.00
_cell.angle_beta   90.00
_cell.angle_gamma   90.00
#
_symmetry.space_group_name_H-M   'P 21 21 21'
#
loop_
_entity.id
_entity.type
_entity.pdbx_description
1 polymer 'CELL DIVISION PROTEIN KINASE 2'
2 polymer CYCLIN-A2
3 non-polymer [(2-CHLORO-5-METHYLPHENYL){6-[(4-{[(2R)-3-(DIMETHYLAMINO)-2-HYDROXYPROPYL]OXY}PHENYL)AMINO]PYRIMIDIN-4-YL}AMINO]ACETONITRILE
4 non-polymer MONOTHIOGLYCEROL
5 non-polymer 'MAGNESIUM ION'
6 water water
#
loop_
_entity_poly.entity_id
_entity_poly.type
_entity_poly.pdbx_seq_one_letter_code
_entity_poly.pdbx_strand_id
1 'polypeptide(L)'
;GPGSMENFQKVEKIGEGTYGVVYKARNKLTGEVVALKKIRLDTETEGVPSTAIREISLLKELNHPNIVKLLDVIHTENKL
YLVFEFLHQDLKTFMDASALTGIPLPLIKSYLFQLLQGLAFCHSHRVLHRDLKPQNLLINTEGAIKLADFGLARAFGVPV
RTY(TPO)HEVVTLWYRAPEILLGCKYYSTAVDIWSLGCIFAEMVTRRALFPGDSEIDQLFRIFRTLGTPDEVVWPGVTS
MPDYKPSFPKWARQDFSKVVPPLDEDGRSLLSQMLHYDPNKRISAKAALAHPFFQDVTKPVPHLRL
;
A,C
2 'polypeptide(L)'
;MEVPDYHEDIHTYLREMEVKCKPKVGYMKKQPDITNSMRAILVDWLVEVGEEYKLQNETLHLAVNYIDRFLSSMSVLRGK
LQLVGTAAMLLASKFEEIYPPEVAEFVYITDDTYTKKQVLRMEHLVLKVLTFDLAAPTVNQFLTQYFLHQQPANCKVESL
AMFLGELSLIDADPYLKYLPSVIAGAAFHLALYTVTGQSWPESLIRKTGYTLESLKPCLMDLHQTYLKAPQHAQQSIREK
YKNSKYHGVSLLNPPETLNL
;
B,D
#
loop_
_chem_comp.id
_chem_comp.type
_chem_comp.name
_chem_comp.formula
MG non-polymer 'MAGNESIUM ION' 'Mg 2'
QQ2 non-polymer [(2-CHLORO-5-METHYLPHENYL){6-[(4-{[(2R)-3-(DIMETHYLAMINO)-2-HYDROXYPROPYL]OXY}PHENYL)AMINO]PYRIMIDIN-4-YL}AMINO]ACETONITRILE 'C24 H27 Cl N6 O2'
SGM non-polymer MONOTHIOGLYCEROL 'C3 H8 O2 S'
#
# COMPACT_ATOMS: atom_id res chain seq x y z
N SER A 4 14.14 -12.16 -11.65
CA SER A 4 13.45 -10.81 -11.63
C SER A 4 13.02 -10.36 -13.04
N MET A 5 13.97 -10.48 -13.97
CA MET A 5 13.71 -10.20 -15.37
C MET A 5 13.35 -11.47 -16.08
N GLU A 6 13.14 -12.53 -15.29
CA GLU A 6 12.81 -13.86 -15.80
C GLU A 6 11.58 -13.90 -16.71
N ASN A 7 10.57 -13.05 -16.44
CA ASN A 7 9.36 -13.02 -17.25
C ASN A 7 9.36 -12.06 -18.45
N PHE A 8 10.38 -11.22 -18.59
CA PHE A 8 10.51 -10.39 -19.81
C PHE A 8 11.42 -10.98 -20.88
N GLN A 9 10.95 -10.93 -22.12
CA GLN A 9 11.72 -11.33 -23.28
C GLN A 9 12.03 -10.07 -24.06
N LYS A 10 13.32 -9.78 -24.23
CA LYS A 10 13.72 -8.62 -25.00
C LYS A 10 13.28 -8.75 -26.45
N VAL A 11 12.82 -7.64 -27.01
CA VAL A 11 12.37 -7.62 -28.39
C VAL A 11 13.42 -6.90 -29.22
N GLU A 12 13.82 -5.69 -28.83
CA GLU A 12 14.75 -4.87 -29.58
C GLU A 12 15.11 -3.63 -28.76
N LYS A 13 16.31 -3.07 -28.98
CA LYS A 13 16.71 -1.83 -28.32
C LYS A 13 15.96 -0.68 -28.93
N ILE A 14 15.57 0.26 -28.08
CA ILE A 14 14.85 1.45 -28.50
C ILE A 14 15.83 2.61 -28.71
N GLY A 15 16.79 2.78 -27.80
CA GLY A 15 17.73 3.89 -27.83
C GLY A 15 18.36 4.20 -26.48
N GLU A 16 18.60 5.48 -26.20
CA GLU A 16 19.29 5.92 -24.97
C GLU A 16 18.64 7.16 -24.36
N GLY A 17 18.41 7.14 -23.04
CA GLY A 17 17.47 8.10 -22.42
C GLY A 17 18.14 9.40 -21.95
N THR A 18 17.66 9.95 -20.83
CA THR A 18 18.48 10.96 -20.13
C THR A 18 19.71 10.25 -19.52
N TYR A 19 19.48 9.01 -19.11
CA TYR A 19 20.50 8.18 -18.51
C TYR A 19 20.00 6.74 -18.75
N GLY A 20 20.89 5.76 -18.72
CA GLY A 20 20.46 4.36 -18.92
C GLY A 20 19.94 3.99 -20.31
N VAL A 21 19.80 2.69 -20.57
CA VAL A 21 19.52 2.14 -21.91
C VAL A 21 18.16 1.40 -22.02
N VAL A 22 17.39 1.75 -23.06
CA VAL A 22 15.98 1.34 -23.19
C VAL A 22 15.70 0.26 -24.26
N TYR A 23 15.13 -0.86 -23.82
CA TYR A 23 14.70 -1.94 -24.71
C TYR A 23 13.20 -2.10 -24.69
N LYS A 24 12.67 -2.51 -25.85
CA LYS A 24 11.33 -2.99 -25.97
C LYS A 24 11.37 -4.42 -25.46
N ALA A 25 10.45 -4.79 -24.58
CA ALA A 25 10.37 -6.16 -24.10
C ALA A 25 8.89 -6.57 -23.97
N ARG A 26 8.64 -7.86 -23.84
CA ARG A 26 7.30 -8.34 -23.55
C ARG A 26 7.31 -9.31 -22.38
N ASN A 27 6.27 -9.16 -21.55
CA ASN A 27 5.96 -10.05 -20.46
C ASN A 27 5.48 -11.37 -21.05
N LYS A 28 6.19 -12.44 -20.72
CA LYS A 28 5.90 -13.74 -21.30
C LYS A 28 4.64 -14.38 -20.73
N LEU A 29 4.22 -13.94 -19.54
CA LEU A 29 3.03 -14.46 -18.89
C LEU A 29 1.75 -13.69 -19.30
N THR A 30 1.88 -12.37 -19.47
CA THR A 30 0.70 -11.57 -19.71
C THR A 30 0.56 -11.12 -21.16
N GLY A 31 1.66 -11.21 -21.90
CA GLY A 31 1.71 -10.68 -23.25
C GLY A 31 2.06 -9.23 -23.31
N GLU A 32 2.24 -8.59 -22.18
CA GLU A 32 2.37 -7.14 -22.18
C GLU A 32 3.73 -6.63 -22.70
N VAL A 33 3.68 -5.67 -23.60
CA VAL A 33 4.83 -4.98 -24.17
C VAL A 33 5.27 -3.81 -23.30
N VAL A 34 6.57 -3.74 -23.03
CA VAL A 34 7.12 -2.78 -22.08
C VAL A 34 8.38 -2.14 -22.65
N ALA A 35 8.68 -0.92 -22.22
CA ALA A 35 10.02 -0.35 -22.34
C ALA A 35 10.75 -0.56 -20.99
N LEU A 36 11.93 -1.15 -21.04
CA LEU A 36 12.79 -1.37 -19.87
C LEU A 36 14.00 -0.46 -19.93
N LYS A 37 14.07 0.48 -19.00
CA LYS A 37 15.25 1.28 -18.76
C LYS A 37 16.14 0.53 -17.79
N LYS A 38 17.30 0.11 -18.27
CA LYS A 38 18.33 -0.52 -17.43
C LYS A 38 19.31 0.53 -16.88
N ILE A 39 19.63 0.40 -15.60
CA ILE A 39 20.64 1.25 -14.96
C ILE A 39 21.66 0.37 -14.33
N ARG A 40 22.89 0.49 -14.82
CA ARG A 40 23.99 -0.23 -14.23
C ARG A 40 24.42 0.62 -13.04
N LEU A 41 24.57 -0.03 -11.89
CA LEU A 41 24.83 0.68 -10.64
C LEU A 41 26.31 0.70 -10.26
N THR A 45 31.02 3.43 -6.99
CA THR A 45 30.38 4.59 -7.67
C THR A 45 29.84 5.62 -6.67
N GLU A 46 28.74 6.26 -7.05
CA GLU A 46 28.01 7.20 -6.18
C GLU A 46 26.61 6.72 -5.80
N GLY A 47 26.33 5.43 -5.95
CA GLY A 47 25.04 4.90 -5.57
C GLY A 47 24.01 5.18 -6.64
N VAL A 48 22.74 5.23 -6.25
CA VAL A 48 21.62 5.41 -7.23
C VAL A 48 21.61 6.85 -7.70
N PRO A 49 21.64 7.05 -9.04
CA PRO A 49 21.71 8.35 -9.66
C PRO A 49 20.58 9.17 -9.16
N SER A 50 20.81 10.46 -8.96
CA SER A 50 19.80 11.38 -8.50
C SER A 50 18.68 11.50 -9.54
N THR A 51 19.01 11.44 -10.84
CA THR A 51 18.01 11.41 -11.93
C THR A 51 17.08 10.22 -11.85
N ALA A 52 17.59 9.09 -11.36
CA ALA A 52 16.76 7.87 -11.29
C ALA A 52 15.85 7.94 -10.06
N ILE A 53 16.40 8.41 -8.94
CA ILE A 53 15.65 8.66 -7.71
C ILE A 53 14.48 9.61 -7.95
N ARG A 54 14.74 10.73 -8.66
CA ARG A 54 13.68 11.71 -8.94
C ARG A 54 12.67 11.16 -9.89
N GLU A 55 13.15 10.49 -10.95
CA GLU A 55 12.23 9.91 -11.96
C GLU A 55 11.21 8.94 -11.34
N ILE A 56 11.70 8.01 -10.52
CA ILE A 56 10.92 6.96 -9.88
C ILE A 56 9.96 7.55 -8.87
N SER A 57 10.42 8.41 -7.97
CA SER A 57 9.48 8.98 -6.99
C SER A 57 8.36 9.78 -7.64
N LEU A 58 8.71 10.53 -8.67
CA LEU A 58 7.77 11.45 -9.27
C LEU A 58 6.79 10.76 -10.22
N LEU A 59 7.26 9.78 -11.02
CA LEU A 59 6.32 8.93 -11.81
C LEU A 59 5.33 8.07 -11.06
N LYS A 60 5.74 7.55 -9.89
CA LYS A 60 4.86 6.85 -8.98
C LYS A 60 3.71 7.74 -8.47
N GLU A 61 3.99 9.00 -8.16
CA GLU A 61 2.93 9.97 -7.90
C GLU A 61 2.01 10.35 -9.12
N LEU A 62 2.51 10.24 -10.34
CA LEU A 62 1.78 10.78 -11.51
C LEU A 62 1.03 9.77 -12.34
N ASN A 63 -0.21 9.48 -11.95
CA ASN A 63 -1.10 8.66 -12.76
C ASN A 63 -2.12 9.49 -13.61
N HIS A 64 -1.87 9.59 -14.92
CA HIS A 64 -2.65 10.40 -15.85
C HIS A 64 -2.65 9.73 -17.24
N PRO A 65 -3.81 9.67 -17.91
CA PRO A 65 -3.84 9.19 -19.32
C PRO A 65 -2.72 9.73 -20.26
N ASN A 66 -2.12 10.88 -19.94
CA ASN A 66 -1.16 11.49 -20.85
C ASN A 66 0.25 11.62 -20.26
N ILE A 67 0.54 10.78 -19.27
CA ILE A 67 1.88 10.69 -18.68
C ILE A 67 2.20 9.23 -18.75
N VAL A 68 3.37 8.89 -19.30
CA VAL A 68 3.82 7.51 -19.39
C VAL A 68 3.70 6.83 -18.00
N LYS A 69 3.19 5.59 -18.00
CA LYS A 69 3.10 4.74 -16.84
C LYS A 69 4.41 4.04 -16.54
N LEU A 70 4.91 4.27 -15.33
CA LEU A 70 5.93 3.45 -14.74
C LEU A 70 5.17 2.29 -14.09
N LEU A 71 5.49 1.08 -14.51
CA LEU A 71 4.73 -0.09 -14.14
C LEU A 71 5.40 -0.77 -12.98
N ASP A 72 6.74 -0.73 -12.95
CA ASP A 72 7.45 -1.45 -11.92
C ASP A 72 8.88 -0.96 -11.78
N VAL A 73 9.49 -1.25 -10.64
CA VAL A 73 10.91 -1.01 -10.42
C VAL A 73 11.57 -2.28 -9.91
N ILE A 74 12.47 -2.83 -10.72
CA ILE A 74 13.17 -4.06 -10.36
C ILE A 74 14.61 -3.73 -10.01
N HIS A 75 14.95 -4.06 -8.78
CA HIS A 75 15.97 -3.35 -8.08
C HIS A 75 16.83 -4.36 -7.45
N THR A 76 18.03 -4.52 -8.02
CA THR A 76 18.95 -5.58 -7.60
C THR A 76 20.20 -4.87 -7.05
N GLU A 77 21.12 -5.61 -6.43
CA GLU A 77 22.36 -4.95 -5.94
C GLU A 77 23.21 -4.47 -7.13
N ASN A 78 23.07 -5.22 -8.24
CA ASN A 78 23.73 -5.03 -9.53
C ASN A 78 23.09 -3.98 -10.43
N LYS A 79 21.81 -4.17 -10.76
CA LYS A 79 21.08 -3.32 -11.71
C LYS A 79 19.75 -2.76 -11.16
N LEU A 80 19.35 -1.64 -11.72
CA LEU A 80 18.05 -1.13 -11.46
C LEU A 80 17.34 -1.03 -12.80
N TYR A 81 16.18 -1.67 -12.90
CA TYR A 81 15.35 -1.63 -14.09
C TYR A 81 14.07 -0.89 -13.82
N LEU A 82 13.74 0.08 -14.69
CA LEU A 82 12.43 0.70 -14.69
C LEU A 82 11.63 0.11 -15.83
N VAL A 83 10.41 -0.34 -15.50
CA VAL A 83 9.50 -0.99 -16.43
C VAL A 83 8.42 0.02 -16.76
N PHE A 84 8.38 0.46 -18.02
CA PHE A 84 7.40 1.41 -18.49
C PHE A 84 6.48 0.69 -19.42
N GLU A 85 5.28 1.19 -19.52
CA GLU A 85 4.42 0.78 -20.63
C GLU A 85 5.09 1.24 -21.94
N PHE A 86 4.98 0.43 -23.01
CA PHE A 86 5.56 0.73 -24.33
C PHE A 86 4.56 1.47 -25.24
N LEU A 87 4.99 2.62 -25.77
CA LEU A 87 4.26 3.35 -26.80
C LEU A 87 5.00 3.20 -28.12
N HIS A 88 4.27 3.18 -29.22
CA HIS A 88 4.86 2.80 -30.51
C HIS A 88 5.97 3.69 -31.10
N GLN A 89 5.88 5.00 -30.93
CA GLN A 89 6.96 5.89 -31.32
C GLN A 89 6.93 7.19 -30.51
N ASP A 90 7.87 8.06 -30.79
CA ASP A 90 7.87 9.42 -30.29
C ASP A 90 7.35 10.36 -31.36
N LEU A 91 7.05 11.59 -30.99
CA LEU A 91 6.48 12.58 -31.90
C LEU A 91 7.45 12.98 -32.99
N LYS A 92 8.74 12.99 -32.66
CA LYS A 92 9.81 13.33 -33.60
C LYS A 92 9.77 12.43 -34.82
N THR A 93 9.91 11.13 -34.61
CA THR A 93 9.75 10.12 -35.67
C THR A 93 8.43 10.27 -36.42
N PHE A 94 7.33 10.55 -35.72
CA PHE A 94 6.07 10.82 -36.42
C PHE A 94 6.14 12.03 -37.36
N MET A 95 6.74 13.12 -36.91
CA MET A 95 6.84 14.37 -37.67
C MET A 95 7.70 14.28 -38.94
N ASP A 96 8.84 13.59 -38.81
CA ASP A 96 9.71 13.20 -39.91
C ASP A 96 8.96 12.36 -40.96
N ALA A 97 8.12 11.42 -40.48
CA ALA A 97 7.32 10.54 -41.36
C ALA A 97 6.19 11.27 -42.10
N SER A 98 5.84 12.45 -41.59
CA SER A 98 4.77 13.29 -42.12
C SER A 98 5.29 14.39 -43.05
N ALA A 99 6.53 14.25 -43.51
CA ALA A 99 7.18 15.19 -44.43
C ALA A 99 6.27 15.79 -45.51
N LEU A 100 5.49 14.92 -46.17
CA LEU A 100 4.84 15.23 -47.45
C LEU A 100 3.33 15.39 -47.35
N THR A 101 2.72 14.58 -46.48
CA THR A 101 1.41 14.85 -45.92
C THR A 101 1.48 16.12 -45.07
N GLY A 102 2.29 16.08 -44.02
CA GLY A 102 2.16 17.05 -42.97
C GLY A 102 1.13 16.50 -42.01
N ILE A 103 0.99 17.14 -40.87
CA ILE A 103 0.03 16.63 -39.90
C ILE A 103 -1.29 17.35 -40.05
N PRO A 104 -2.39 16.58 -40.23
CA PRO A 104 -3.74 17.13 -40.16
C PRO A 104 -3.96 17.98 -38.90
N LEU A 105 -4.46 19.20 -39.10
CA LEU A 105 -4.91 20.06 -38.00
C LEU A 105 -5.56 19.28 -36.83
N PRO A 106 -6.57 18.42 -37.10
CA PRO A 106 -7.30 17.74 -36.00
C PRO A 106 -6.42 16.89 -35.10
N LEU A 107 -5.36 16.31 -35.66
CA LEU A 107 -4.32 15.58 -34.91
C LEU A 107 -3.39 16.53 -34.10
N ILE A 108 -2.95 17.61 -34.70
CA ILE A 108 -2.15 18.63 -34.02
C ILE A 108 -2.89 19.12 -32.77
N LYS A 109 -4.12 19.57 -32.98
CA LYS A 109 -5.02 20.07 -31.92
C LYS A 109 -5.21 19.08 -30.76
N SER A 110 -5.58 17.84 -31.09
CA SER A 110 -5.77 16.71 -30.17
C SER A 110 -4.52 16.38 -29.39
N TYR A 111 -3.38 16.39 -30.07
CA TYR A 111 -2.09 16.20 -29.42
C TYR A 111 -1.83 17.29 -28.44
N LEU A 112 -1.95 18.55 -28.87
CA LEU A 112 -1.73 19.68 -27.94
C LEU A 112 -2.68 19.69 -26.74
N PHE A 113 -3.95 19.39 -27.00
CA PHE A 113 -4.93 19.31 -25.95
C PHE A 113 -4.52 18.28 -24.86
N GLN A 114 -4.07 17.10 -25.29
CA GLN A 114 -3.54 16.07 -24.49
C GLN A 114 -2.27 16.36 -23.70
N LEU A 115 -1.32 17.01 -24.34
CA LEU A 115 -0.08 17.44 -23.72
C LEU A 115 -0.34 18.45 -22.67
N LEU A 116 -1.27 19.35 -22.95
CA LEU A 116 -1.64 20.36 -21.97
C LEU A 116 -2.39 19.77 -20.77
N GLN A 117 -3.09 18.66 -21.01
CA GLN A 117 -3.68 17.86 -19.94
C GLN A 117 -2.61 17.15 -19.09
N GLY A 118 -1.64 16.48 -19.70
CA GLY A 118 -0.55 15.83 -18.96
C GLY A 118 0.24 16.79 -18.10
N LEU A 119 0.52 17.95 -18.67
CA LEU A 119 1.32 19.02 -18.08
C LEU A 119 0.67 19.81 -16.97
N ALA A 120 -0.59 20.24 -17.14
CA ALA A 120 -1.44 20.69 -16.04
C ALA A 120 -1.44 19.77 -14.82
N PHE A 121 -1.55 18.46 -15.05
CA PHE A 121 -1.57 17.43 -13.99
C PHE A 121 -0.22 17.42 -13.25
N CYS A 122 0.85 17.51 -14.02
CA CYS A 122 2.23 17.65 -13.51
C CYS A 122 2.36 18.91 -12.72
N HIS A 123 1.98 20.07 -13.27
CA HIS A 123 2.07 21.30 -12.49
C HIS A 123 1.20 21.36 -11.21
N SER A 124 -0.01 20.80 -11.28
CA SER A 124 -0.89 20.54 -10.10
C SER A 124 -0.30 19.66 -9.03
N HIS A 125 0.62 18.77 -9.41
CA HIS A 125 1.24 17.84 -8.49
C HIS A 125 2.69 18.26 -8.17
N ARG A 126 2.92 19.57 -8.23
CA ARG A 126 4.22 20.26 -8.04
C ARG A 126 5.43 19.63 -8.72
N VAL A 127 5.25 19.27 -10.00
CA VAL A 127 6.37 18.74 -10.79
C VAL A 127 6.69 19.60 -12.03
N LEU A 128 7.95 19.94 -12.16
CA LEU A 128 8.45 20.50 -13.41
C LEU A 128 9.07 19.40 -14.24
N HIS A 129 8.71 19.36 -15.53
CA HIS A 129 9.26 18.35 -16.40
C HIS A 129 10.70 18.70 -16.81
N ARG A 130 10.87 19.90 -17.39
CA ARG A 130 12.17 20.52 -17.72
C ARG A 130 12.89 19.92 -18.91
N ASP A 131 12.22 19.11 -19.70
CA ASP A 131 12.82 18.55 -20.92
C ASP A 131 11.72 18.17 -21.96
N LEU A 132 10.71 19.02 -22.09
CA LEU A 132 9.75 18.75 -23.19
C LEU A 132 10.36 19.03 -24.58
N LYS A 133 10.41 17.99 -25.39
CA LYS A 133 10.87 18.05 -26.79
C LYS A 133 10.14 16.90 -27.46
N PRO A 134 10.04 16.91 -28.81
CA PRO A 134 9.29 15.85 -29.52
C PRO A 134 9.77 14.40 -29.31
N GLN A 135 11.08 14.23 -29.09
CA GLN A 135 11.72 12.98 -28.70
C GLN A 135 11.22 12.40 -27.36
N ASN A 136 10.74 13.25 -26.46
CA ASN A 136 10.19 12.82 -25.14
C ASN A 136 8.68 12.69 -25.09
N LEU A 137 8.02 12.83 -26.24
CA LEU A 137 6.54 12.84 -26.28
C LEU A 137 6.18 11.62 -27.07
N LEU A 138 5.44 10.70 -26.45
CA LEU A 138 5.20 9.37 -27.07
C LEU A 138 3.77 9.13 -27.53
N ILE A 139 3.62 8.42 -28.64
CA ILE A 139 2.37 8.28 -29.30
C ILE A 139 2.01 6.81 -29.49
N ASN A 140 0.74 6.50 -29.30
CA ASN A 140 0.27 5.17 -29.64
C ASN A 140 -0.58 5.21 -30.89
N THR A 141 -1.10 4.05 -31.25
CA THR A 141 -1.80 3.83 -32.48
C THR A 141 -3.27 4.28 -32.38
N GLU A 142 -3.78 4.39 -31.16
CA GLU A 142 -5.16 4.84 -30.95
C GLU A 142 -5.34 6.37 -30.94
N GLY A 143 -4.27 7.12 -30.74
CA GLY A 143 -4.36 8.54 -30.88
C GLY A 143 -3.93 9.27 -29.65
N ALA A 144 -3.44 8.54 -28.65
CA ALA A 144 -2.90 9.16 -27.45
C ALA A 144 -1.47 9.66 -27.67
N ILE A 145 -1.17 10.78 -26.99
CA ILE A 145 0.17 11.27 -26.81
C ILE A 145 0.37 11.41 -25.26
N LYS A 146 1.61 11.19 -24.82
CA LYS A 146 1.98 11.14 -23.40
C LYS A 146 3.35 11.78 -23.11
N LEU A 147 3.47 12.58 -22.02
CA LEU A 147 4.77 13.04 -21.53
C LEU A 147 5.62 11.84 -21.05
N ALA A 148 6.92 11.82 -21.44
CA ALA A 148 7.88 10.81 -20.97
C ALA A 148 9.21 11.44 -20.62
N ASP A 149 10.15 10.60 -20.18
CA ASP A 149 11.45 11.02 -19.67
C ASP A 149 11.41 12.10 -18.57
N PHE A 150 11.08 11.62 -17.38
CA PHE A 150 11.06 12.44 -16.17
C PHE A 150 12.42 12.41 -15.46
N GLY A 151 13.49 12.05 -16.17
CA GLY A 151 14.86 12.16 -15.65
C GLY A 151 15.41 13.58 -15.37
N LEU A 152 14.83 14.64 -16.00
CA LEU A 152 15.17 16.05 -15.68
C LEU A 152 14.18 16.80 -14.85
N ALA A 153 13.03 16.14 -14.59
CA ALA A 153 11.97 16.66 -13.74
C ALA A 153 12.43 16.97 -12.32
N ARG A 154 11.77 17.93 -11.71
CA ARG A 154 11.90 18.05 -10.28
C ARG A 154 10.63 18.48 -9.56
N ALA A 155 10.55 18.11 -8.27
CA ALA A 155 9.46 18.54 -7.40
C ALA A 155 9.75 19.99 -6.95
N PHE A 156 8.76 20.87 -7.06
CA PHE A 156 9.02 22.28 -6.75
C PHE A 156 8.26 22.76 -5.53
N GLY A 157 8.66 23.89 -4.95
CA GLY A 157 7.94 24.41 -3.80
C GLY A 157 7.11 25.60 -4.21
N VAL A 158 6.32 26.11 -3.28
CA VAL A 158 5.51 27.29 -3.51
C VAL A 158 5.92 28.24 -2.39
N PRO A 159 6.56 29.40 -2.71
CA PRO A 159 7.01 29.77 -4.07
C PRO A 159 8.32 29.05 -4.45
N VAL A 160 8.66 29.04 -5.73
CA VAL A 160 9.92 28.42 -6.17
C VAL A 160 11.20 28.96 -5.43
N ARG A 161 12.17 28.08 -5.19
CA ARG A 161 13.58 28.47 -4.95
C ARG A 161 14.30 28.44 -6.28
N THR A 162 15.59 28.75 -6.26
CA THR A 162 16.47 28.56 -7.41
C THR A 162 16.78 27.07 -7.56
N TYR A 163 16.60 26.58 -8.79
CA TYR A 163 16.87 25.19 -9.14
C TYR A 163 17.98 25.24 -10.20
N TPO A 164 18.35 24.07 -10.72
CA TPO A 164 19.46 23.88 -11.64
CB TPO A 164 19.45 22.39 -12.06
CG2 TPO A 164 20.62 22.04 -13.01
OG1 TPO A 164 19.59 21.53 -10.89
P TPO A 164 18.48 20.59 -10.27
O1P TPO A 164 17.29 21.48 -10.00
O2P TPO A 164 18.16 19.56 -11.30
O3P TPO A 164 19.17 20.09 -9.00
C TPO A 164 19.32 24.81 -12.81
O TPO A 164 18.26 24.88 -13.44
N HIS A 165 20.38 25.57 -13.09
CA HIS A 165 20.35 26.44 -14.26
C HIS A 165 20.51 25.65 -15.55
N GLU A 166 21.18 24.52 -15.45
CA GLU A 166 21.65 23.88 -16.64
C GLU A 166 20.55 23.01 -17.15
N VAL A 167 19.47 23.64 -17.65
CA VAL A 167 18.15 22.96 -17.82
C VAL A 167 17.41 23.28 -19.13
N VAL A 168 16.76 22.26 -19.73
CA VAL A 168 15.96 22.26 -21.00
C VAL A 168 16.82 22.14 -22.28
N THR A 169 16.62 21.11 -23.09
CA THR A 169 17.27 21.06 -24.42
C THR A 169 17.14 22.45 -25.10
N LEU A 170 18.28 23.01 -25.48
CA LEU A 170 18.42 24.40 -25.93
C LEU A 170 17.31 24.96 -26.84
N TRP A 171 16.87 24.18 -27.80
CA TRP A 171 15.87 24.62 -28.80
C TRP A 171 14.49 24.90 -28.16
N TYR A 172 14.26 24.32 -26.98
CA TYR A 172 12.93 24.37 -26.30
C TYR A 172 12.95 25.17 -25.04
N ARG A 173 14.05 25.92 -24.87
CA ARG A 173 14.47 26.51 -23.62
C ARG A 173 13.95 27.95 -23.58
N ALA A 174 13.32 28.27 -22.44
CA ALA A 174 12.60 29.52 -22.25
C ALA A 174 13.59 30.63 -22.04
N PRO A 175 13.23 31.86 -22.50
CA PRO A 175 14.13 33.00 -22.40
C PRO A 175 14.51 33.42 -20.96
N GLU A 176 13.70 33.08 -19.97
CA GLU A 176 14.04 33.35 -18.56
C GLU A 176 15.18 32.44 -18.06
N ILE A 177 15.30 31.24 -18.66
CA ILE A 177 16.45 30.39 -18.41
C ILE A 177 17.71 30.97 -19.10
N LEU A 178 17.59 31.26 -20.40
CA LEU A 178 18.68 31.87 -21.15
C LEU A 178 19.20 33.23 -20.59
N LEU A 179 18.32 34.02 -19.98
CA LEU A 179 18.74 35.29 -19.38
C LEU A 179 19.12 35.15 -17.92
N GLY A 180 19.16 33.92 -17.41
CA GLY A 180 19.69 33.65 -16.06
C GLY A 180 18.83 34.08 -14.88
N CYS A 181 17.51 34.08 -15.03
CA CYS A 181 16.62 34.43 -13.93
C CYS A 181 16.80 33.42 -12.80
N LYS A 182 16.86 33.93 -11.57
CA LYS A 182 17.14 33.05 -10.43
C LYS A 182 15.97 32.14 -10.07
N TYR A 183 14.77 32.54 -10.53
CA TYR A 183 13.57 31.75 -10.39
C TYR A 183 12.95 31.51 -11.74
N TYR A 184 12.81 30.25 -12.10
CA TYR A 184 11.89 29.88 -13.15
C TYR A 184 10.87 28.90 -12.51
N SER A 185 9.74 28.73 -13.19
CA SER A 185 8.70 27.90 -12.71
C SER A 185 8.02 27.15 -13.83
N THR A 186 6.71 26.87 -13.64
CA THR A 186 5.94 26.05 -14.55
C THR A 186 5.96 26.58 -15.99
N ALA A 187 6.09 27.91 -16.13
CA ALA A 187 6.11 28.61 -17.44
C ALA A 187 7.19 28.09 -18.40
N VAL A 188 8.24 27.43 -17.90
CA VAL A 188 9.30 27.02 -18.85
C VAL A 188 8.82 25.81 -19.66
N ASP A 189 7.91 25.03 -19.07
CA ASP A 189 7.33 23.88 -19.76
C ASP A 189 6.25 24.32 -20.75
N ILE A 190 5.48 25.37 -20.43
CA ILE A 190 4.54 25.97 -21.41
C ILE A 190 5.29 26.44 -22.67
N TRP A 191 6.43 27.14 -22.46
CA TRP A 191 7.32 27.59 -23.54
C TRP A 191 7.71 26.48 -24.47
N SER A 192 8.25 25.40 -23.93
CA SER A 192 8.62 24.22 -24.71
C SER A 192 7.47 23.63 -25.51
N LEU A 193 6.28 23.58 -24.93
CA LEU A 193 5.06 23.16 -25.63
C LEU A 193 4.62 24.16 -26.72
N GLY A 194 4.81 25.46 -26.49
CA GLY A 194 4.72 26.47 -27.55
C GLY A 194 5.57 26.10 -28.74
N CYS A 195 6.86 25.87 -28.50
CA CYS A 195 7.79 25.57 -29.59
C CYS A 195 7.40 24.33 -30.36
N ILE A 196 6.86 23.34 -29.66
CA ILE A 196 6.41 22.05 -30.25
C ILE A 196 5.04 22.13 -30.97
N PHE A 197 4.18 23.04 -30.51
CA PHE A 197 2.94 23.30 -31.18
C PHE A 197 3.32 23.86 -32.56
N ALA A 198 4.19 24.87 -32.55
CA ALA A 198 4.74 25.49 -33.75
C ALA A 198 5.33 24.48 -34.73
N GLU A 199 6.14 23.57 -34.19
CA GLU A 199 6.82 22.52 -34.91
C GLU A 199 5.93 21.44 -35.47
N MET A 200 4.82 21.14 -34.83
CA MET A 200 3.91 20.13 -35.39
C MET A 200 3.25 20.69 -36.64
N VAL A 201 3.08 22.00 -36.66
CA VAL A 201 2.46 22.75 -37.78
C VAL A 201 3.39 22.96 -39.01
N THR A 202 4.68 23.22 -38.75
CA THR A 202 5.71 23.53 -39.78
C THR A 202 6.60 22.33 -40.02
N ARG A 203 6.69 21.48 -38.99
CA ARG A 203 7.48 20.23 -38.99
C ARG A 203 8.99 20.47 -38.97
N ARG A 204 9.35 21.72 -38.70
CA ARG A 204 10.70 22.07 -38.32
C ARG A 204 10.69 22.84 -37.00
N ALA A 205 11.83 22.87 -36.31
CA ALA A 205 11.93 23.51 -35.01
C ALA A 205 11.82 24.99 -35.22
N LEU A 206 11.10 25.67 -34.33
CA LEU A 206 10.87 27.10 -34.40
C LEU A 206 12.11 27.96 -34.14
N PHE A 207 12.93 27.59 -33.14
CA PHE A 207 14.15 28.31 -32.83
C PHE A 207 15.34 27.34 -32.72
N PRO A 208 15.86 26.90 -33.87
CA PRO A 208 17.00 26.00 -33.79
C PRO A 208 18.35 26.68 -33.53
N GLY A 209 18.59 27.24 -32.34
CA GLY A 209 19.87 27.90 -32.08
C GLY A 209 21.04 26.94 -31.96
N ASP A 210 22.25 27.41 -32.22
CA ASP A 210 23.42 26.57 -31.90
C ASP A 210 24.10 26.89 -30.55
N SER A 211 23.73 28.01 -29.93
CA SER A 211 24.35 28.43 -28.68
C SER A 211 23.33 29.21 -27.86
N GLU A 212 23.70 29.59 -26.65
CA GLU A 212 22.74 30.35 -25.85
C GLU A 212 22.42 31.72 -26.46
N ILE A 213 23.43 32.39 -27.01
CA ILE A 213 23.23 33.71 -27.61
C ILE A 213 22.51 33.64 -28.97
N ASP A 214 22.77 32.57 -29.72
CA ASP A 214 22.12 32.29 -30.98
C ASP A 214 20.68 32.00 -30.71
N GLN A 215 20.43 31.18 -29.69
CA GLN A 215 19.06 30.91 -29.25
C GLN A 215 18.25 32.16 -28.92
N LEU A 216 18.76 33.01 -28.02
CA LEU A 216 18.10 34.28 -27.68
C LEU A 216 17.81 35.12 -28.92
N PHE A 217 18.83 35.40 -29.72
CA PHE A 217 18.65 36.20 -30.92
C PHE A 217 17.57 35.69 -31.88
N ARG A 218 17.49 34.39 -32.13
CA ARG A 218 16.42 33.79 -32.90
C ARG A 218 15.04 34.03 -32.33
N ILE A 219 14.91 33.95 -31.02
CA ILE A 219 13.65 34.22 -30.34
C ILE A 219 13.30 35.70 -30.48
N PHE A 220 14.34 36.56 -30.37
CA PHE A 220 14.19 38.02 -30.52
C PHE A 220 13.75 38.43 -31.92
N ARG A 221 14.33 37.82 -32.95
CA ARG A 221 13.92 38.13 -34.32
C ARG A 221 12.49 37.73 -34.68
N THR A 222 11.94 36.77 -33.93
CA THR A 222 10.59 36.29 -34.16
C THR A 222 9.57 37.03 -33.30
N LEU A 223 9.93 37.37 -32.06
CA LEU A 223 8.96 37.85 -31.07
C LEU A 223 9.29 39.30 -30.66
N GLY A 224 10.39 39.81 -31.22
CA GLY A 224 10.91 41.14 -30.89
C GLY A 224 11.82 41.05 -29.70
N THR A 225 12.86 41.85 -29.67
CA THR A 225 13.66 42.00 -28.46
C THR A 225 12.72 42.55 -27.39
N PRO A 226 12.66 41.89 -26.21
CA PRO A 226 11.76 42.38 -25.15
C PRO A 226 12.35 43.61 -24.43
N ASP A 227 11.52 44.60 -24.14
CA ASP A 227 11.88 45.71 -23.29
C ASP A 227 11.09 45.65 -21.97
N GLU A 228 11.13 46.73 -21.19
CA GLU A 228 10.52 46.77 -19.90
C GLU A 228 9.02 46.93 -20.00
N VAL A 229 8.53 47.41 -21.14
CA VAL A 229 7.08 47.37 -21.38
C VAL A 229 6.55 45.92 -21.56
N VAL A 230 7.20 45.11 -22.39
CA VAL A 230 6.66 43.74 -22.55
C VAL A 230 6.99 42.78 -21.38
N TRP A 231 8.15 43.01 -20.76
CA TRP A 231 8.66 42.09 -19.76
C TRP A 231 9.32 42.94 -18.68
N PRO A 232 8.49 43.41 -17.70
CA PRO A 232 9.01 44.23 -16.62
C PRO A 232 10.08 43.43 -15.91
N GLY A 233 11.22 44.05 -15.68
CA GLY A 233 12.36 43.37 -15.09
C GLY A 233 13.44 42.82 -16.04
N VAL A 234 13.21 42.74 -17.37
CA VAL A 234 14.21 42.11 -18.28
C VAL A 234 15.62 42.66 -18.22
N THR A 235 15.72 43.99 -18.15
CA THR A 235 16.97 44.72 -18.35
C THR A 235 17.86 44.60 -17.09
N SER A 236 17.29 44.03 -16.03
CA SER A 236 17.98 43.75 -14.80
C SER A 236 18.37 42.27 -14.68
N MET A 237 17.80 41.41 -15.52
CA MET A 237 18.17 39.98 -15.52
C MET A 237 19.66 39.78 -15.73
N PRO A 238 20.26 38.79 -15.02
CA PRO A 238 21.72 38.64 -15.02
C PRO A 238 22.41 38.56 -16.38
N ASP A 239 21.77 37.97 -17.38
CA ASP A 239 22.45 37.74 -18.65
C ASP A 239 21.85 38.57 -19.75
N TYR A 240 21.13 39.61 -19.33
CA TYR A 240 20.66 40.67 -20.21
C TYR A 240 21.82 41.57 -20.50
N LYS A 241 21.93 41.99 -21.77
CA LYS A 241 23.00 42.89 -22.19
C LYS A 241 22.32 44.05 -22.96
N PRO A 242 22.59 45.30 -22.57
CA PRO A 242 21.96 46.42 -23.29
C PRO A 242 22.48 46.68 -24.72
N SER A 243 23.39 45.84 -25.21
CA SER A 243 23.90 45.91 -26.60
C SER A 243 23.09 44.91 -27.45
N PHE A 244 22.21 44.15 -26.82
CA PHE A 244 21.29 43.27 -27.54
C PHE A 244 20.72 44.04 -28.71
N PRO A 245 20.86 43.51 -29.95
CA PRO A 245 20.12 44.15 -31.07
C PRO A 245 18.64 44.21 -30.74
N LYS A 246 17.97 45.31 -31.09
CA LYS A 246 16.54 45.48 -30.78
C LYS A 246 15.65 45.26 -32.02
N TRP A 247 15.12 44.05 -32.18
CA TRP A 247 14.37 43.69 -33.39
C TRP A 247 12.87 43.94 -33.15
N ALA A 248 12.18 44.25 -34.25
CA ALA A 248 10.78 44.56 -34.21
C ALA A 248 10.06 43.25 -33.98
N ARG A 249 8.93 43.32 -33.30
CA ARG A 249 8.10 42.16 -33.21
C ARG A 249 7.42 41.94 -34.54
N GLN A 250 7.50 40.69 -34.99
CA GLN A 250 6.81 40.17 -36.16
C GLN A 250 5.34 39.93 -35.93
N ASP A 251 4.60 40.27 -37.00
CA ASP A 251 3.23 39.83 -37.29
C ASP A 251 3.19 38.34 -37.07
N PHE A 252 2.38 37.93 -36.10
CA PHE A 252 2.31 36.58 -35.64
C PHE A 252 1.73 35.60 -36.67
N SER A 253 0.97 36.10 -37.62
CA SER A 253 0.54 35.25 -38.73
C SER A 253 1.71 34.85 -39.63
N LYS A 254 2.86 35.50 -39.45
CA LYS A 254 4.05 35.13 -40.20
C LYS A 254 4.81 34.01 -39.52
N VAL A 255 4.68 33.90 -38.20
CA VAL A 255 5.46 32.98 -37.40
C VAL A 255 5.13 31.53 -37.80
N VAL A 256 3.84 31.21 -37.82
CA VAL A 256 3.33 29.91 -38.24
C VAL A 256 2.14 30.20 -39.21
N PRO A 257 2.46 30.45 -40.51
CA PRO A 257 1.43 30.87 -41.48
C PRO A 257 0.18 29.99 -41.69
N PRO A 258 0.29 28.63 -41.60
CA PRO A 258 -0.93 27.80 -41.76
C PRO A 258 -1.98 27.99 -40.67
N LEU A 259 -1.55 28.54 -39.53
CA LEU A 259 -2.44 28.71 -38.39
C LEU A 259 -3.56 29.78 -38.61
N ASP A 260 -4.77 29.38 -38.24
CA ASP A 260 -5.93 30.24 -38.13
C ASP A 260 -5.78 31.21 -36.91
N GLU A 261 -6.69 32.18 -36.84
CA GLU A 261 -6.81 33.11 -35.72
C GLU A 261 -6.73 32.55 -34.28
N ASP A 262 -7.53 31.52 -33.96
CA ASP A 262 -7.51 30.95 -32.58
C ASP A 262 -6.21 30.26 -32.30
N GLY A 263 -5.70 29.51 -33.28
CA GLY A 263 -4.35 28.91 -33.20
C GLY A 263 -3.27 29.92 -32.93
N ARG A 264 -3.32 31.06 -33.60
CA ARG A 264 -2.28 32.10 -33.39
C ARG A 264 -2.36 32.71 -32.01
N SER A 265 -3.60 32.95 -31.56
CA SER A 265 -3.91 33.52 -30.26
C SER A 265 -3.30 32.64 -29.21
N LEU A 266 -3.50 31.32 -29.32
CA LEU A 266 -2.98 30.36 -28.37
C LEU A 266 -1.46 30.31 -28.34
N LEU A 267 -0.84 30.08 -29.49
CA LEU A 267 0.59 30.09 -29.57
C LEU A 267 1.18 31.39 -29.06
N SER A 268 0.57 32.52 -29.40
CA SER A 268 1.05 33.77 -28.81
C SER A 268 1.05 33.82 -27.28
N GLN A 269 0.04 33.30 -26.61
CA GLN A 269 0.00 33.22 -25.14
C GLN A 269 0.98 32.24 -24.49
N MET A 270 1.24 31.10 -25.14
CA MET A 270 2.30 30.19 -24.78
C MET A 270 3.76 30.72 -24.92
N LEU A 271 3.93 31.72 -25.80
CA LEU A 271 5.26 32.23 -26.12
C LEU A 271 5.38 33.67 -25.64
N HIS A 272 4.52 34.02 -24.70
CA HIS A 272 4.59 35.25 -23.97
C HIS A 272 5.92 35.35 -23.22
N TYR A 273 6.57 36.51 -23.28
CA TYR A 273 7.90 36.63 -22.70
C TYR A 273 7.78 36.51 -21.20
N ASP A 274 6.93 37.36 -20.62
CA ASP A 274 6.82 37.44 -19.19
C ASP A 274 6.20 36.13 -18.69
N PRO A 275 6.98 35.29 -17.96
CA PRO A 275 6.60 34.05 -17.37
C PRO A 275 5.28 34.12 -16.57
N ASN A 276 5.12 35.22 -15.85
CA ASN A 276 3.93 35.53 -15.10
C ASN A 276 2.70 35.78 -15.97
N LYS A 277 2.89 36.25 -17.20
CA LYS A 277 1.74 36.46 -18.09
C LYS A 277 1.53 35.34 -19.10
N ARG A 278 2.51 34.43 -19.18
CA ARG A 278 2.45 33.26 -20.05
C ARG A 278 1.31 32.37 -19.61
N ILE A 279 0.57 31.81 -20.57
CA ILE A 279 -0.63 31.05 -20.22
C ILE A 279 -0.24 29.77 -19.48
N SER A 280 -1.07 29.35 -18.51
CA SER A 280 -0.90 28.09 -17.79
C SER A 280 -1.48 26.96 -18.64
N ALA A 281 -1.03 25.74 -18.40
CA ALA A 281 -1.60 24.54 -19.09
C ALA A 281 -3.09 24.36 -18.82
N LYS A 282 -3.49 24.67 -17.58
CA LYS A 282 -4.85 24.61 -17.07
C LYS A 282 -5.71 25.59 -17.87
N ALA A 283 -5.29 26.86 -17.85
CA ALA A 283 -6.07 27.92 -18.52
C ALA A 283 -6.15 27.70 -20.05
N ALA A 284 -5.16 27.02 -20.64
CA ALA A 284 -5.08 26.80 -22.11
C ALA A 284 -6.06 25.77 -22.64
N LEU A 285 -6.43 24.81 -21.80
CA LEU A 285 -7.51 23.85 -22.06
C LEU A 285 -8.86 24.43 -22.46
N ALA A 286 -9.14 25.63 -21.99
CA ALA A 286 -10.37 26.29 -22.27
C ALA A 286 -10.28 27.24 -23.47
N HIS A 287 -9.11 27.37 -24.10
CA HIS A 287 -8.95 28.22 -25.28
C HIS A 287 -9.90 27.82 -26.45
N PRO A 288 -10.49 28.81 -27.14
CA PRO A 288 -11.36 28.50 -28.30
C PRO A 288 -10.71 27.60 -29.39
N PHE A 289 -9.38 27.63 -29.54
CA PHE A 289 -8.68 26.66 -30.37
C PHE A 289 -9.20 25.24 -30.26
N PHE A 290 -9.48 24.81 -29.03
CA PHE A 290 -9.93 23.46 -28.74
C PHE A 290 -11.46 23.23 -28.81
N GLN A 291 -12.23 24.24 -29.22
CA GLN A 291 -13.68 24.10 -29.27
C GLN A 291 -14.20 22.92 -30.06
N ASP A 292 -13.51 22.51 -31.12
CA ASP A 292 -13.91 21.33 -31.93
C ASP A 292 -13.01 20.10 -31.79
N VAL A 293 -12.26 20.00 -30.68
CA VAL A 293 -11.26 18.99 -30.54
C VAL A 293 -11.85 17.58 -30.54
N THR A 294 -11.18 16.68 -31.26
CA THR A 294 -11.51 15.26 -31.25
C THR A 294 -10.24 14.47 -30.96
N LYS A 295 -10.33 13.15 -31.00
CA LYS A 295 -9.17 12.31 -30.85
C LYS A 295 -9.03 11.42 -32.09
N PRO A 296 -8.50 11.99 -33.19
CA PRO A 296 -8.27 11.11 -34.32
C PRO A 296 -7.06 10.20 -34.08
N VAL A 297 -7.10 9.00 -34.68
CA VAL A 297 -5.97 8.08 -34.73
C VAL A 297 -4.99 8.69 -35.77
N PRO A 298 -3.64 8.48 -35.62
CA PRO A 298 -2.70 8.84 -36.70
C PRO A 298 -2.47 7.71 -37.74
N HIS A 299 -1.81 8.04 -38.86
CA HIS A 299 -1.43 7.06 -39.92
C HIS A 299 -0.14 6.25 -39.68
N PRO B 4 -0.83 32.59 -7.85
CA PRO B 4 -1.89 31.58 -7.76
C PRO B 4 -2.21 30.67 -8.99
N ASP B 5 -1.26 30.44 -9.87
CA ASP B 5 -1.45 29.48 -10.99
C ASP B 5 -2.04 28.13 -10.48
N TYR B 6 -1.29 27.46 -9.61
CA TYR B 6 -1.65 26.12 -9.10
C TYR B 6 -1.47 26.06 -7.59
N HIS B 7 -1.28 27.20 -6.91
CA HIS B 7 -0.93 27.21 -5.49
C HIS B 7 -1.92 26.38 -4.70
N GLU B 8 -3.20 26.49 -5.06
CA GLU B 8 -4.23 25.75 -4.36
C GLU B 8 -4.36 24.24 -4.69
N ASP B 9 -4.27 23.85 -5.96
CA ASP B 9 -4.13 22.43 -6.32
C ASP B 9 -2.97 21.82 -5.56
N ILE B 10 -1.89 22.58 -5.43
CA ILE B 10 -0.69 22.09 -4.80
C ILE B 10 -0.85 21.93 -3.29
N HIS B 11 -1.38 22.94 -2.58
CA HIS B 11 -1.70 22.85 -1.14
C HIS B 11 -2.56 21.60 -0.88
N THR B 12 -3.56 21.41 -1.73
CA THR B 12 -4.49 20.29 -1.57
C THR B 12 -3.87 18.93 -1.72
N TYR B 13 -3.05 18.79 -2.76
CA TYR B 13 -2.23 17.61 -2.96
C TYR B 13 -1.27 17.36 -1.76
N LEU B 14 -0.62 18.40 -1.24
CA LEU B 14 0.35 18.24 -0.14
C LEU B 14 -0.37 17.84 1.11
N ARG B 15 -1.58 18.36 1.33
CA ARG B 15 -2.48 17.87 2.41
C ARG B 15 -2.83 16.40 2.36
N GLU B 16 -3.14 15.90 1.17
CA GLU B 16 -3.35 14.47 1.01
C GLU B 16 -2.06 13.63 1.16
N MET B 17 -0.94 14.03 0.55
CA MET B 17 0.28 13.27 0.63
C MET B 17 0.89 13.24 2.02
N GLU B 18 0.70 14.29 2.81
CA GLU B 18 1.20 14.27 4.17
C GLU B 18 0.56 13.23 5.10
N VAL B 19 -0.68 12.86 4.82
CA VAL B 19 -1.33 11.79 5.55
C VAL B 19 -0.74 10.42 5.12
N LYS B 20 -0.59 10.25 3.80
CA LYS B 20 0.04 9.07 3.20
C LYS B 20 1.49 8.87 3.59
N CYS B 21 2.22 9.96 3.82
CA CYS B 21 3.67 9.91 4.08
C CYS B 21 4.03 9.91 5.52
N LYS B 22 3.03 9.75 6.39
CA LYS B 22 3.17 9.94 7.82
C LYS B 22 3.93 8.80 8.51
N PRO B 23 4.94 9.17 9.30
CA PRO B 23 5.53 8.17 10.19
C PRO B 23 4.44 7.66 11.13
N LYS B 24 4.70 6.53 11.77
CA LYS B 24 3.77 5.94 12.65
C LYS B 24 4.15 6.38 14.05
N VAL B 25 3.16 6.95 14.70
CA VAL B 25 3.32 7.83 15.87
C VAL B 25 3.98 7.12 17.05
N GLY B 26 3.72 5.80 17.17
CA GLY B 26 4.22 5.05 18.32
C GLY B 26 5.46 4.16 18.11
N TYR B 27 6.18 4.35 16.99
CA TYR B 27 7.23 3.39 16.62
C TYR B 27 8.35 3.20 17.65
N MET B 28 8.60 4.22 18.46
CA MET B 28 9.76 4.21 19.33
C MET B 28 9.65 3.23 20.48
N LYS B 29 8.41 2.97 20.94
CA LYS B 29 8.18 1.93 21.97
C LYS B 29 8.44 0.53 21.42
N LYS B 30 8.15 0.34 20.14
CA LYS B 30 8.41 -0.93 19.47
C LYS B 30 9.91 -1.11 19.14
N GLN B 31 10.71 -0.04 19.24
CA GLN B 31 12.16 -0.15 19.03
C GLN B 31 12.86 -0.74 20.26
N PRO B 32 13.45 -1.94 20.05
CA PRO B 32 14.05 -2.64 21.18
C PRO B 32 15.25 -1.93 21.78
N ASP B 33 15.97 -1.11 21.01
CA ASP B 33 17.29 -0.66 21.44
C ASP B 33 17.55 0.85 21.43
N ILE B 34 16.82 1.60 20.60
CA ILE B 34 17.03 3.06 20.52
C ILE B 34 15.94 3.82 21.28
N THR B 35 16.23 5.08 21.61
CA THR B 35 15.30 6.00 22.26
C THR B 35 15.05 7.32 21.50
N ASN B 36 14.04 8.06 21.93
CA ASN B 36 13.76 9.44 21.51
C ASN B 36 14.99 10.34 21.64
N SER B 37 15.71 10.16 22.73
CA SER B 37 16.96 10.84 23.06
C SER B 37 18.07 10.55 22.07
N MET B 38 18.23 9.27 21.71
CA MET B 38 19.13 8.87 20.60
C MET B 38 18.75 9.43 19.24
N ARG B 39 17.45 9.43 18.92
CA ARG B 39 16.99 10.08 17.73
C ARG B 39 17.22 11.60 17.84
N ALA B 40 17.05 12.17 19.03
CA ALA B 40 17.31 13.60 19.21
C ALA B 40 18.77 13.97 18.86
N ILE B 41 19.72 13.14 19.34
CA ILE B 41 21.14 13.24 19.03
C ILE B 41 21.46 13.13 17.52
N LEU B 42 20.87 12.13 16.86
CA LEU B 42 21.06 11.93 15.44
C LEU B 42 20.51 13.07 14.57
N VAL B 43 19.27 13.52 14.84
CA VAL B 43 18.76 14.75 14.19
C VAL B 43 19.69 15.97 14.37
N ASP B 44 20.23 16.13 15.57
CA ASP B 44 21.02 17.30 15.89
C ASP B 44 22.35 17.27 15.13
N TRP B 45 22.95 16.09 15.04
CA TRP B 45 24.08 15.89 14.16
C TRP B 45 23.74 16.22 12.67
N LEU B 46 22.59 15.76 12.19
CA LEU B 46 22.12 16.05 10.82
C LEU B 46 22.00 17.54 10.50
N VAL B 47 21.53 18.33 11.47
CA VAL B 47 21.57 19.78 11.44
C VAL B 47 23.01 20.28 11.26
N GLU B 48 23.96 19.76 12.07
CA GLU B 48 25.38 20.12 11.92
C GLU B 48 25.88 19.84 10.52
N VAL B 49 25.65 18.61 10.04
CA VAL B 49 26.00 18.18 8.69
C VAL B 49 25.44 19.08 7.56
N GLY B 50 24.14 19.37 7.61
CA GLY B 50 23.52 20.36 6.71
C GLY B 50 24.18 21.74 6.77
N GLU B 51 24.64 22.12 7.95
CA GLU B 51 25.40 23.38 8.06
C GLU B 51 26.81 23.33 7.46
N GLU B 52 27.51 22.22 7.65
CA GLU B 52 28.86 22.03 7.14
C GLU B 52 28.88 21.95 5.60
N TYR B 53 27.83 21.35 5.03
CA TYR B 53 27.72 21.19 3.58
C TYR B 53 26.84 22.20 2.86
N LYS B 54 26.31 23.16 3.62
CA LYS B 54 25.43 24.22 3.13
C LYS B 54 24.19 23.67 2.39
N LEU B 55 23.55 22.69 3.03
CA LEU B 55 22.36 22.05 2.47
C LEU B 55 21.14 22.89 2.77
N GLN B 56 20.15 22.74 1.91
CA GLN B 56 18.84 23.35 2.08
C GLN B 56 18.17 22.84 3.34
N ASN B 57 17.46 23.73 4.01
CA ASN B 57 16.54 23.32 5.08
C ASN B 57 15.57 22.21 4.71
N GLU B 58 15.13 22.21 3.47
CA GLU B 58 14.22 21.21 2.96
C GLU B 58 14.81 19.78 2.97
N THR B 59 16.07 19.69 2.59
CA THR B 59 16.89 18.50 2.60
C THR B 59 17.03 17.85 3.99
N LEU B 60 17.19 18.67 5.04
CA LEU B 60 17.10 18.24 6.43
C LEU B 60 15.71 17.74 6.83
N HIS B 61 14.66 18.50 6.54
CA HIS B 61 13.30 18.00 6.79
C HIS B 61 12.97 16.69 6.07
N LEU B 62 13.40 16.55 4.80
CA LEU B 62 13.22 15.33 4.03
C LEU B 62 13.89 14.12 4.59
N ALA B 63 15.19 14.17 4.84
CA ALA B 63 15.96 13.10 5.50
C ALA B 63 15.33 12.60 6.78
N VAL B 64 14.90 13.53 7.62
CA VAL B 64 14.26 13.21 8.91
C VAL B 64 12.96 12.40 8.72
N ASN B 65 12.11 12.83 7.75
CA ASN B 65 10.97 12.07 7.23
C ASN B 65 11.35 10.65 6.80
N TYR B 66 12.42 10.53 6.01
CA TYR B 66 12.91 9.21 5.59
C TYR B 66 13.31 8.33 6.77
N ILE B 67 13.90 8.92 7.81
CA ILE B 67 14.38 8.19 8.97
C ILE B 67 13.20 7.70 9.79
N ASP B 68 12.25 8.59 10.04
CA ASP B 68 11.11 8.26 10.92
C ASP B 68 10.22 7.20 10.32
N ARG B 69 10.06 7.24 9.00
CA ARG B 69 9.28 6.26 8.25
C ARG B 69 10.04 4.94 8.16
N PHE B 70 11.36 4.99 8.03
CA PHE B 70 12.21 3.77 8.01
C PHE B 70 12.18 3.01 9.34
N LEU B 71 12.31 3.77 10.43
CA LEU B 71 12.22 3.30 11.78
C LEU B 71 10.81 2.87 12.25
N SER B 72 9.78 3.23 11.48
CA SER B 72 8.40 2.79 11.67
C SER B 72 8.22 1.32 11.33
N SER B 73 9.01 0.82 10.38
CA SER B 73 8.94 -0.61 10.07
C SER B 73 10.26 -1.40 10.33
N MET B 74 11.35 -0.71 10.60
CA MET B 74 12.66 -1.38 10.68
C MET B 74 13.35 -1.13 12.00
N SER B 75 13.56 -2.21 12.76
CA SER B 75 14.25 -2.15 14.03
C SER B 75 15.76 -2.02 13.81
N VAL B 76 16.37 -1.07 14.51
CA VAL B 76 17.78 -0.70 14.28
C VAL B 76 18.52 -0.62 15.61
N LEU B 77 19.67 -1.27 15.69
CA LEU B 77 20.51 -1.18 16.89
C LEU B 77 21.21 0.19 16.98
N ARG B 78 21.55 0.61 18.19
CA ARG B 78 22.00 1.98 18.42
C ARG B 78 23.28 2.36 17.66
N GLY B 79 24.17 1.40 17.45
CA GLY B 79 25.38 1.57 16.64
C GLY B 79 25.16 1.61 15.13
N LYS B 80 23.92 1.41 14.66
CA LYS B 80 23.57 1.48 13.23
C LYS B 80 22.63 2.65 12.87
N LEU B 81 22.27 3.45 13.87
CA LEU B 81 21.31 4.53 13.68
C LEU B 81 21.91 5.64 12.84
N GLN B 82 23.20 5.93 13.09
CA GLN B 82 23.88 6.94 12.32
C GLN B 82 24.00 6.54 10.89
N LEU B 83 24.14 5.23 10.62
CA LEU B 83 24.19 4.73 9.24
C LEU B 83 22.90 4.97 8.48
N VAL B 84 21.77 4.71 9.14
CA VAL B 84 20.45 4.97 8.62
C VAL B 84 20.30 6.45 8.31
N GLY B 85 20.72 7.33 9.24
CA GLY B 85 20.65 8.77 9.04
C GLY B 85 21.57 9.36 7.97
N THR B 86 22.74 8.76 7.79
CA THR B 86 23.69 9.10 6.70
C THR B 86 23.12 8.84 5.28
N ALA B 87 22.58 7.64 5.04
CA ALA B 87 21.93 7.25 3.81
C ALA B 87 20.71 8.12 3.50
N ALA B 88 19.94 8.39 4.53
CA ALA B 88 18.77 9.21 4.43
C ALA B 88 19.14 10.64 4.00
N MET B 89 20.22 11.19 4.53
CA MET B 89 20.69 12.55 4.17
C MET B 89 21.31 12.57 2.78
N LEU B 90 22.01 11.49 2.46
CA LEU B 90 22.49 11.29 1.09
C LEU B 90 21.36 11.18 0.05
N LEU B 91 20.32 10.42 0.36
CA LEU B 91 19.11 10.32 -0.49
C LEU B 91 18.35 11.62 -0.66
N ALA B 92 18.21 12.37 0.45
CA ALA B 92 17.54 13.67 0.45
C ALA B 92 18.31 14.75 -0.32
N SER B 93 19.65 14.69 -0.26
CA SER B 93 20.52 15.50 -1.06
C SER B 93 20.34 15.25 -2.57
N LYS B 94 20.35 13.98 -2.97
CA LYS B 94 20.13 13.61 -4.37
C LYS B 94 18.77 14.09 -4.85
N PHE B 95 17.73 13.93 -4.05
CA PHE B 95 16.40 14.39 -4.40
C PHE B 95 16.33 15.92 -4.56
N GLU B 96 16.86 16.62 -3.56
CA GLU B 96 16.58 18.05 -3.37
C GLU B 96 17.65 19.08 -3.78
N GLU B 97 18.92 18.68 -3.81
CA GLU B 97 20.05 19.63 -4.01
C GLU B 97 20.44 19.77 -5.46
N ILE B 98 20.78 20.98 -5.85
CA ILE B 98 21.46 21.21 -7.10
C ILE B 98 22.79 20.44 -7.15
N TYR B 99 23.65 20.67 -6.15
CA TYR B 99 24.87 19.90 -5.99
C TYR B 99 24.89 19.12 -4.68
N PRO B 100 24.51 17.83 -4.71
CA PRO B 100 24.57 17.05 -3.49
C PRO B 100 26.05 16.82 -3.06
N PRO B 101 26.30 16.65 -1.76
CA PRO B 101 27.64 16.15 -1.48
C PRO B 101 27.88 14.73 -2.05
N GLU B 102 29.12 14.45 -2.41
CA GLU B 102 29.43 13.18 -2.97
C GLU B 102 29.53 12.17 -1.84
N VAL B 103 29.48 10.88 -2.19
CA VAL B 103 29.29 9.79 -1.21
C VAL B 103 30.47 9.71 -0.22
N ALA B 104 31.67 10.06 -0.70
CA ALA B 104 32.86 10.15 0.15
C ALA B 104 32.75 11.23 1.23
N GLU B 105 32.04 12.32 0.94
CA GLU B 105 31.88 13.41 1.88
C GLU B 105 31.01 12.95 3.08
N PHE B 106 29.99 12.14 2.77
CA PHE B 106 29.14 11.47 3.76
C PHE B 106 29.86 10.39 4.61
N VAL B 107 30.72 9.61 3.97
CA VAL B 107 31.54 8.65 4.68
C VAL B 107 32.45 9.39 5.67
N TYR B 108 33.21 10.35 5.14
CA TYR B 108 34.11 11.21 5.94
C TYR B 108 33.49 11.77 7.25
N ILE B 109 32.32 12.39 7.17
CA ILE B 109 31.66 12.99 8.37
C ILE B 109 31.07 12.04 9.44
N THR B 110 30.96 10.74 9.13
CA THR B 110 30.71 9.70 10.14
C THR B 110 31.98 9.40 10.98
N ASP B 111 33.13 9.89 10.50
CA ASP B 111 34.46 9.74 11.12
C ASP B 111 34.94 8.30 11.01
N ASP B 112 34.85 7.84 9.77
CA ASP B 112 34.87 6.43 9.39
C ASP B 112 34.25 5.41 10.35
N THR B 113 33.02 5.71 10.79
CA THR B 113 32.26 4.72 11.54
C THR B 113 31.86 3.62 10.56
N TYR B 114 31.67 4.01 9.30
CA TYR B 114 31.13 3.11 8.27
C TYR B 114 31.91 3.24 6.98
N THR B 115 31.95 2.16 6.22
CA THR B 115 32.58 2.19 4.91
C THR B 115 31.65 2.78 3.83
N LYS B 116 32.16 2.93 2.62
CA LYS B 116 31.35 3.48 1.52
C LYS B 116 30.33 2.42 1.03
N LYS B 117 30.78 1.17 1.04
CA LYS B 117 29.94 0.01 0.77
C LYS B 117 28.71 -0.05 1.70
N GLN B 118 28.93 0.18 2.99
CA GLN B 118 27.85 0.20 3.98
C GLN B 118 26.86 1.33 3.71
N VAL B 119 27.38 2.53 3.42
CA VAL B 119 26.55 3.71 3.17
C VAL B 119 25.70 3.48 1.94
N LEU B 120 26.29 2.87 0.91
CA LEU B 120 25.60 2.59 -0.35
C LEU B 120 24.62 1.42 -0.27
N ARG B 121 24.92 0.48 0.63
CA ARG B 121 24.05 -0.67 0.88
C ARG B 121 22.86 -0.22 1.72
N MET B 122 23.11 0.63 2.70
CA MET B 122 22.04 1.29 3.44
C MET B 122 21.14 2.13 2.55
N GLU B 123 21.71 2.82 1.59
CA GLU B 123 20.90 3.65 0.67
C GLU B 123 19.84 2.83 -0.11
N HIS B 124 20.27 1.72 -0.71
CA HIS B 124 19.42 0.75 -1.42
C HIS B 124 18.32 0.16 -0.49
N LEU B 125 18.73 -0.21 0.72
CA LEU B 125 17.80 -0.64 1.76
C LEU B 125 16.80 0.45 2.12
N VAL B 126 17.25 1.68 2.42
CA VAL B 126 16.26 2.73 2.66
C VAL B 126 15.32 2.93 1.46
N LEU B 127 15.84 2.92 0.23
CA LEU B 127 14.96 3.03 -0.96
C LEU B 127 13.88 1.94 -1.03
N LYS B 128 14.27 0.74 -0.63
CA LYS B 128 13.44 -0.44 -0.70
C LYS B 128 12.31 -0.33 0.32
N VAL B 129 12.64 0.07 1.56
CA VAL B 129 11.67 0.19 2.62
C VAL B 129 10.66 1.34 2.38
N LEU B 130 11.17 2.41 1.78
CA LEU B 130 10.35 3.58 1.45
C LEU B 130 9.71 3.49 0.11
N THR B 131 9.94 2.36 -0.58
CA THR B 131 9.42 2.01 -1.94
C THR B 131 9.66 3.14 -2.95
N PHE B 132 10.79 3.84 -2.74
CA PHE B 132 11.23 4.92 -3.63
C PHE B 132 10.34 6.16 -3.50
N ASP B 133 9.56 6.20 -2.42
CA ASP B 133 8.60 7.29 -2.24
C ASP B 133 9.22 8.41 -1.42
N LEU B 134 9.86 9.34 -2.14
CA LEU B 134 10.78 10.33 -1.53
C LEU B 134 10.28 11.81 -1.52
N ALA B 135 9.31 12.09 -2.36
CA ALA B 135 8.71 13.41 -2.45
C ALA B 135 7.63 13.50 -1.34
N ALA B 136 8.08 13.38 -0.09
CA ALA B 136 7.23 13.58 1.08
C ALA B 136 7.06 15.09 1.30
N PRO B 137 5.84 15.54 1.69
CA PRO B 137 5.57 16.89 2.25
C PRO B 137 6.27 17.16 3.54
N THR B 138 6.66 18.38 3.77
CA THR B 138 7.43 18.75 4.95
C THR B 138 6.83 20.01 5.51
N VAL B 139 7.24 20.32 6.74
CA VAL B 139 6.86 21.51 7.48
C VAL B 139 7.30 22.75 6.73
N ASN B 140 8.58 22.73 6.32
CA ASN B 140 9.11 23.73 5.41
C ASN B 140 8.28 24.02 4.16
N GLN B 141 7.85 23.01 3.41
CA GLN B 141 6.97 23.22 2.25
C GLN B 141 5.64 23.92 2.56
N PHE B 142 5.05 23.61 3.74
CA PHE B 142 3.87 24.31 4.21
C PHE B 142 4.10 25.75 4.65
N LEU B 143 5.14 25.99 5.45
CA LEU B 143 5.53 27.36 5.92
C LEU B 143 5.70 28.36 4.79
N THR B 144 6.36 27.92 3.77
CA THR B 144 6.74 28.70 2.61
C THR B 144 5.44 29.23 1.87
N GLN B 145 4.43 28.38 1.79
CA GLN B 145 3.11 28.81 1.30
C GLN B 145 2.45 29.75 2.28
N TYR B 146 2.64 29.55 3.59
CA TYR B 146 1.97 30.37 4.61
C TYR B 146 2.55 31.78 4.65
N PHE B 147 3.86 31.86 4.40
CA PHE B 147 4.60 33.11 4.26
C PHE B 147 3.97 34.10 3.25
N LEU B 148 3.44 33.59 2.16
CA LEU B 148 2.78 34.41 1.13
C LEU B 148 1.54 35.18 1.66
N HIS B 149 1.13 34.83 2.88
CA HIS B 149 -0.02 35.43 3.53
C HIS B 149 0.34 36.50 4.54
N GLN B 150 1.61 36.87 4.61
CA GLN B 150 2.03 37.92 5.51
C GLN B 150 1.71 39.29 4.91
N GLN B 151 1.51 40.26 5.81
CA GLN B 151 1.04 41.59 5.48
C GLN B 151 1.73 42.71 6.33
N PRO B 152 2.92 43.19 5.88
CA PRO B 152 3.67 42.73 4.72
C PRO B 152 4.62 41.55 5.11
N ALA B 153 5.42 41.08 4.16
CA ALA B 153 6.46 40.10 4.44
C ALA B 153 7.39 40.62 5.54
N ASN B 154 7.90 39.71 6.37
CA ASN B 154 8.75 40.04 7.50
C ASN B 154 9.78 38.92 7.62
N CYS B 155 11.03 39.21 7.29
CA CYS B 155 12.10 38.22 7.33
C CYS B 155 12.34 37.57 8.68
N LYS B 156 12.09 38.31 9.75
CA LYS B 156 12.25 37.81 11.13
C LYS B 156 11.20 36.77 11.41
N VAL B 157 9.99 37.04 10.91
CA VAL B 157 8.86 36.12 11.05
C VAL B 157 9.11 34.81 10.33
N GLU B 158 9.54 34.88 9.06
CA GLU B 158 9.96 33.72 8.28
C GLU B 158 11.12 32.92 8.94
N SER B 159 12.25 33.54 9.20
CA SER B 159 13.36 32.83 9.86
C SER B 159 13.02 32.19 11.22
N LEU B 160 12.18 32.86 12.01
CA LEU B 160 11.72 32.32 13.31
C LEU B 160 10.73 31.16 13.16
N ALA B 161 9.88 31.21 12.15
CA ALA B 161 8.98 30.09 11.88
C ALA B 161 9.77 28.88 11.43
N MET B 162 10.79 29.10 10.62
CA MET B 162 11.68 28.04 10.20
C MET B 162 12.47 27.43 11.35
N PHE B 163 12.99 28.28 12.23
CA PHE B 163 13.69 27.90 13.47
C PHE B 163 12.81 27.01 14.40
N LEU B 164 11.55 27.40 14.57
CA LEU B 164 10.60 26.62 15.40
C LEU B 164 10.20 25.26 14.76
N GLY B 165 9.97 25.28 13.46
CA GLY B 165 9.58 24.12 12.71
C GLY B 165 10.73 23.16 12.78
N GLU B 166 11.94 23.71 12.73
CA GLU B 166 13.14 22.92 12.79
C GLU B 166 13.39 22.26 14.18
N LEU B 167 13.13 22.98 15.27
CA LEU B 167 13.24 22.40 16.63
C LEU B 167 12.35 21.18 16.88
N SER B 168 11.19 21.19 16.24
CA SER B 168 10.21 20.11 16.35
C SER B 168 10.71 18.80 15.69
N LEU B 169 11.64 18.91 14.75
CA LEU B 169 12.32 17.72 14.20
C LEU B 169 13.11 16.91 15.26
N ILE B 170 13.52 17.55 16.33
CA ILE B 170 14.47 16.97 17.29
C ILE B 170 13.79 15.98 18.23
N ASP B 171 12.56 16.32 18.63
CA ASP B 171 11.81 15.67 19.71
C ASP B 171 10.62 14.89 19.21
N ALA B 172 10.83 13.59 18.98
CA ALA B 172 9.79 12.68 18.44
C ALA B 172 8.53 12.67 19.31
N ASP B 173 8.72 12.74 20.63
CA ASP B 173 7.68 13.00 21.63
C ASP B 173 7.86 14.49 21.99
N PRO B 174 6.90 15.35 21.64
CA PRO B 174 5.56 15.06 21.12
C PRO B 174 5.30 15.20 19.58
N TYR B 175 6.31 15.51 18.76
CA TYR B 175 5.97 15.99 17.41
C TYR B 175 5.70 14.91 16.37
N LEU B 176 6.08 13.66 16.59
CA LEU B 176 5.62 12.59 15.70
C LEU B 176 4.10 12.50 15.56
N LYS B 177 3.36 13.07 16.52
CA LYS B 177 1.92 12.99 16.53
C LYS B 177 1.24 14.09 15.71
N TYR B 178 2.00 15.12 15.34
CA TYR B 178 1.46 16.18 14.51
C TYR B 178 1.91 16.09 13.04
N LEU B 179 0.99 16.49 12.16
CA LEU B 179 1.23 16.58 10.72
C LEU B 179 2.02 17.84 10.39
N PRO B 180 2.84 17.82 9.33
CA PRO B 180 3.61 18.99 8.90
C PRO B 180 2.88 20.33 8.70
N SER B 181 1.66 20.28 8.12
CA SER B 181 0.81 21.42 7.96
C SER B 181 0.35 22.08 9.25
N VAL B 182 0.13 21.27 10.29
CA VAL B 182 -0.28 21.69 11.63
C VAL B 182 0.93 22.30 12.34
N ILE B 183 2.07 21.61 12.33
CA ILE B 183 3.31 22.16 12.92
C ILE B 183 3.71 23.47 12.27
N ALA B 184 3.52 23.55 10.97
CA ALA B 184 3.87 24.75 10.24
C ALA B 184 2.89 25.87 10.65
N GLY B 185 1.61 25.52 10.79
CA GLY B 185 0.59 26.39 11.40
C GLY B 185 0.98 27.01 12.73
N ALA B 186 1.31 26.15 13.71
CA ALA B 186 1.80 26.58 15.03
C ALA B 186 3.02 27.45 14.91
N ALA B 187 4.01 26.96 14.18
CA ALA B 187 5.27 27.69 13.96
C ALA B 187 5.05 29.07 13.37
N PHE B 188 4.23 29.17 12.31
CA PHE B 188 3.95 30.49 11.69
C PHE B 188 3.25 31.44 12.67
N HIS B 189 2.24 30.95 13.39
CA HIS B 189 1.58 31.78 14.33
C HIS B 189 2.51 32.20 15.48
N LEU B 190 3.28 31.25 16.01
CA LEU B 190 4.13 31.58 17.15
C LEU B 190 5.23 32.59 16.76
N ALA B 191 5.74 32.44 15.53
CA ALA B 191 6.74 33.38 14.95
C ALA B 191 6.14 34.77 14.83
N LEU B 192 4.95 34.82 14.27
CA LEU B 192 4.21 36.02 13.95
C LEU B 192 3.84 36.79 15.18
N TYR B 193 3.33 36.09 16.19
CA TYR B 193 3.01 36.67 17.47
C TYR B 193 4.26 37.21 18.22
N THR B 194 5.36 36.45 18.21
CA THR B 194 6.58 36.85 18.92
C THR B 194 7.16 38.11 18.33
N VAL B 195 7.19 38.20 17.01
CA VAL B 195 7.83 39.33 16.35
C VAL B 195 6.89 40.51 16.27
N THR B 196 5.71 40.33 15.70
CA THR B 196 4.81 41.45 15.37
C THR B 196 3.64 41.65 16.33
N GLY B 197 3.33 40.65 17.13
CA GLY B 197 2.11 40.70 17.96
C GLY B 197 0.85 40.19 17.26
N GLN B 198 0.95 39.87 15.97
CA GLN B 198 -0.21 39.44 15.18
C GLN B 198 -0.49 37.94 15.33
N SER B 199 -1.63 37.52 14.78
CA SER B 199 -2.11 36.15 14.90
C SER B 199 -2.31 35.57 13.52
N TRP B 200 -2.22 34.24 13.44
CA TRP B 200 -2.73 33.42 12.35
C TRP B 200 -3.87 34.09 11.57
N PRO B 201 -3.59 34.53 10.32
CA PRO B 201 -4.54 35.35 9.58
C PRO B 201 -5.79 34.61 9.10
N GLU B 202 -6.85 35.37 8.88
CA GLU B 202 -8.12 34.82 8.42
C GLU B 202 -7.97 34.14 7.05
N SER B 203 -7.09 34.70 6.22
CA SER B 203 -6.84 34.20 4.89
C SER B 203 -6.23 32.77 4.91
N LEU B 204 -5.46 32.45 5.95
CA LEU B 204 -4.94 31.10 6.21
C LEU B 204 -5.98 30.15 6.85
N ILE B 205 -6.99 30.70 7.52
CA ILE B 205 -8.13 29.90 7.92
C ILE B 205 -8.90 29.47 6.70
N ARG B 206 -9.14 30.43 5.81
CA ARG B 206 -9.78 30.15 4.53
C ARG B 206 -9.03 29.09 3.76
N LYS B 207 -7.71 29.27 3.59
CA LYS B 207 -6.83 28.34 2.85
C LYS B 207 -6.74 26.94 3.45
N THR B 208 -6.46 26.88 4.75
CA THR B 208 -6.10 25.63 5.42
C THR B 208 -7.25 24.96 6.19
N GLY B 209 -8.28 25.74 6.57
CA GLY B 209 -9.38 25.27 7.45
C GLY B 209 -9.01 25.18 8.93
N TYR B 210 -7.77 25.52 9.25
CA TYR B 210 -7.29 25.54 10.61
C TYR B 210 -7.47 26.90 11.23
N THR B 211 -7.72 26.87 12.52
CA THR B 211 -7.99 28.02 13.33
C THR B 211 -6.97 27.93 14.46
N LEU B 212 -6.86 29.00 15.23
CA LEU B 212 -6.10 28.95 16.45
C LEU B 212 -6.48 27.77 17.36
N GLU B 213 -7.80 27.54 17.55
CA GLU B 213 -8.35 26.41 18.33
C GLU B 213 -7.86 25.03 17.87
N SER B 214 -7.95 24.76 16.58
CA SER B 214 -7.40 23.52 16.06
C SER B 214 -5.86 23.48 16.23
N LEU B 215 -5.20 24.64 16.16
CA LEU B 215 -3.72 24.69 16.26
C LEU B 215 -3.17 24.59 17.71
N LYS B 216 -4.01 24.97 18.67
CA LYS B 216 -3.68 25.07 20.11
C LYS B 216 -2.86 23.91 20.69
N PRO B 217 -3.34 22.66 20.56
CA PRO B 217 -2.52 21.54 21.07
C PRO B 217 -1.06 21.45 20.54
N CYS B 218 -0.86 21.66 19.25
CA CYS B 218 0.48 21.69 18.69
C CYS B 218 1.22 22.91 19.21
N LEU B 219 0.50 24.03 19.18
CA LEU B 219 0.99 25.32 19.65
C LEU B 219 1.37 25.40 21.14
N MET B 220 0.67 24.70 22.01
CA MET B 220 1.05 24.67 23.42
C MET B 220 2.38 23.90 23.60
N ASP B 221 2.57 22.84 22.83
CA ASP B 221 3.79 22.07 22.83
C ASP B 221 4.93 22.91 22.29
N LEU B 222 4.75 23.52 21.11
CA LEU B 222 5.78 24.33 20.47
C LEU B 222 6.26 25.51 21.32
N HIS B 223 5.31 26.12 22.02
CA HIS B 223 5.59 27.19 22.97
C HIS B 223 6.56 26.72 24.08
N GLN B 224 6.39 25.51 24.61
CA GLN B 224 7.26 25.03 25.70
C GLN B 224 8.61 24.65 25.18
N THR B 225 8.67 24.23 23.91
CA THR B 225 9.91 23.88 23.26
C THR B 225 10.74 25.15 23.09
N TYR B 226 10.12 26.19 22.54
CA TYR B 226 10.69 27.53 22.47
C TYR B 226 11.14 28.08 23.83
N LEU B 227 10.29 28.03 24.85
CA LEU B 227 10.74 28.42 26.19
C LEU B 227 11.98 27.65 26.77
N LYS B 228 12.06 26.36 26.48
CA LYS B 228 13.06 25.47 27.10
C LYS B 228 14.22 25.17 26.15
N ALA B 229 14.16 25.76 24.95
CA ALA B 229 15.18 25.63 23.93
C ALA B 229 16.64 25.86 24.43
N PRO B 230 16.90 26.96 25.18
CA PRO B 230 18.27 27.20 25.68
C PRO B 230 18.86 26.18 26.66
N GLN B 231 18.02 25.24 27.10
CA GLN B 231 18.40 24.26 28.14
C GLN B 231 18.31 22.84 27.64
N HIS B 232 17.82 22.68 26.41
CA HIS B 232 17.69 21.39 25.77
C HIS B 232 19.08 20.82 25.56
N ALA B 233 19.22 19.50 25.66
CA ALA B 233 20.52 18.85 25.50
C ALA B 233 21.12 19.05 24.09
N GLN B 234 20.25 19.05 23.09
CA GLN B 234 20.64 19.34 21.72
C GLN B 234 20.54 20.85 21.40
N GLN B 235 21.60 21.41 20.81
CA GLN B 235 21.76 22.88 20.61
C GLN B 235 22.22 23.36 19.22
N SER B 236 22.37 22.50 18.20
CA SER B 236 22.77 22.96 16.83
C SER B 236 21.77 23.81 16.01
N ILE B 237 20.47 23.67 16.25
CA ILE B 237 19.48 24.56 15.61
C ILE B 237 19.63 25.96 16.26
N ARG B 238 19.76 26.03 17.59
CA ARG B 238 19.94 27.35 18.22
C ARG B 238 21.15 28.12 17.68
N GLU B 239 22.31 27.46 17.62
CA GLU B 239 23.53 28.04 17.03
C GLU B 239 23.43 28.40 15.54
N LYS B 240 22.84 27.51 14.74
CA LYS B 240 22.64 27.76 13.31
C LYS B 240 21.86 29.05 13.10
N TYR B 241 20.76 29.20 13.85
CA TYR B 241 19.85 30.32 13.67
C TYR B 241 20.29 31.61 14.36
N LYS B 242 21.48 31.57 14.96
CA LYS B 242 22.20 32.77 15.41
C LYS B 242 22.91 33.46 14.25
N ASN B 243 23.02 32.77 13.11
CA ASN B 243 23.68 33.33 11.91
C ASN B 243 22.78 34.40 11.31
N SER B 244 23.41 35.39 10.66
CA SER B 244 22.73 36.52 10.03
C SER B 244 21.87 36.11 8.84
N LYS B 245 22.21 34.98 8.25
CA LYS B 245 21.40 34.35 7.20
C LYS B 245 19.96 34.09 7.62
N TYR B 246 19.78 33.78 8.92
CA TYR B 246 18.43 33.59 9.47
C TYR B 246 18.17 34.68 10.49
N HIS B 247 18.64 35.88 10.18
CA HIS B 247 18.40 37.13 10.93
C HIS B 247 18.54 37.07 12.46
N GLY B 248 19.40 36.16 12.95
CA GLY B 248 19.72 36.01 14.39
C GLY B 248 18.54 35.61 15.27
N VAL B 249 17.45 35.09 14.67
CA VAL B 249 16.17 34.83 15.37
C VAL B 249 16.22 33.95 16.63
N SER B 250 17.15 33.00 16.71
CA SER B 250 17.31 32.21 17.92
C SER B 250 17.73 33.07 19.09
N LEU B 251 18.19 34.28 18.80
CA LEU B 251 18.49 35.28 19.84
C LEU B 251 17.28 35.99 20.44
N LEU B 252 16.17 36.05 19.70
CA LEU B 252 14.90 36.63 20.19
C LEU B 252 14.32 36.00 21.46
N ASN B 253 13.62 36.82 22.24
CA ASN B 253 12.94 36.37 23.45
C ASN B 253 11.61 35.70 23.17
N PRO B 254 11.43 34.45 23.64
CA PRO B 254 10.08 33.88 23.54
C PRO B 254 9.10 34.69 24.39
N PRO B 255 7.85 34.82 23.92
CA PRO B 255 6.84 35.44 24.77
C PRO B 255 6.57 34.60 26.01
N GLU B 256 6.28 35.24 27.14
CA GLU B 256 6.01 34.51 28.37
C GLU B 256 4.70 33.72 28.28
N THR B 257 3.68 34.33 27.66
CA THR B 257 2.39 33.64 27.43
C THR B 257 1.87 33.94 26.03
N LEU B 258 0.95 33.11 25.56
CA LEU B 258 0.34 33.22 24.25
C LEU B 258 -1.04 33.89 24.24
N ASN B 259 -1.64 34.07 25.41
CA ASN B 259 -3.01 34.58 25.50
C ASN B 259 -3.93 33.91 24.48
N LEU B 260 -4.19 32.61 24.68
CA LEU B 260 -5.08 31.85 23.77
C LEU B 260 -6.46 31.72 24.39
N SER C 4 19.41 -10.20 -2.61
CA SER C 4 18.09 -10.41 -1.87
C SER C 4 18.26 -10.80 -0.40
N MET C 5 19.00 -11.88 -0.18
CA MET C 5 19.31 -12.32 1.19
C MET C 5 20.70 -11.84 1.58
N GLU C 6 21.28 -11.03 0.70
CA GLU C 6 22.61 -10.48 0.84
C GLU C 6 22.81 -9.79 2.19
N ASN C 7 21.81 -9.06 2.68
CA ASN C 7 21.93 -8.35 3.95
C ASN C 7 21.74 -9.22 5.18
N PHE C 8 21.29 -10.45 5.00
CA PHE C 8 21.10 -11.36 6.14
C PHE C 8 22.28 -12.27 6.38
N GLN C 9 22.71 -12.32 7.64
CA GLN C 9 23.83 -13.16 8.07
C GLN C 9 23.25 -14.23 8.97
N LYS C 10 23.44 -15.49 8.60
CA LYS C 10 22.91 -16.54 9.45
C LYS C 10 23.79 -16.83 10.66
N VAL C 11 23.09 -17.03 11.79
CA VAL C 11 23.68 -17.22 13.10
C VAL C 11 23.68 -18.71 13.42
N GLU C 12 22.50 -19.33 13.29
CA GLU C 12 22.26 -20.68 13.81
C GLU C 12 20.90 -21.22 13.38
N LYS C 13 20.81 -22.54 13.24
CA LYS C 13 19.54 -23.23 12.98
C LYS C 13 18.65 -23.22 14.22
N ILE C 14 17.42 -22.78 14.05
CA ILE C 14 16.40 -22.89 15.10
C ILE C 14 15.77 -24.30 15.01
N GLY C 15 15.35 -24.70 13.81
CA GLY C 15 14.77 -26.03 13.61
C GLY C 15 13.99 -26.21 12.30
N GLU C 16 12.80 -26.79 12.44
CA GLU C 16 11.83 -26.99 11.36
C GLU C 16 10.39 -26.79 11.90
N GLY C 17 9.57 -26.00 11.20
CA GLY C 17 8.21 -25.64 11.68
C GLY C 17 7.17 -26.74 11.47
N THR C 18 6.03 -26.38 10.86
CA THR C 18 5.12 -27.40 10.28
C THR C 18 5.47 -27.61 8.77
N TYR C 19 6.31 -26.69 8.26
CA TYR C 19 6.92 -26.75 6.93
C TYR C 19 8.19 -25.84 6.94
N GLY C 20 9.08 -25.98 5.94
CA GLY C 20 10.29 -25.13 5.84
C GLY C 20 11.41 -25.35 6.89
N VAL C 21 12.49 -24.56 6.78
CA VAL C 21 13.57 -24.56 7.77
C VAL C 21 13.72 -23.15 8.41
N VAL C 22 13.84 -23.09 9.75
CA VAL C 22 14.01 -21.81 10.46
C VAL C 22 15.43 -21.54 10.98
N TYR C 23 15.95 -20.36 10.65
CA TYR C 23 17.27 -19.89 11.05
C TYR C 23 17.17 -18.63 11.86
N LYS C 24 18.03 -18.48 12.86
CA LYS C 24 18.27 -17.17 13.44
C LYS C 24 19.28 -16.46 12.53
N ALA C 25 18.91 -15.25 12.10
CA ALA C 25 19.79 -14.49 11.25
C ALA C 25 19.87 -13.05 11.73
N ARG C 26 20.90 -12.33 11.29
CA ARG C 26 20.89 -10.89 11.51
C ARG C 26 21.03 -10.04 10.28
N ASN C 27 20.33 -8.90 10.33
CA ASN C 27 20.47 -7.87 9.36
C ASN C 27 21.81 -7.16 9.60
N LYS C 28 22.68 -7.21 8.59
CA LYS C 28 24.04 -6.65 8.68
C LYS C 28 24.03 -5.11 8.63
N LEU C 29 23.05 -4.56 7.93
CA LEU C 29 22.87 -3.13 7.89
C LEU C 29 22.30 -2.51 9.17
N THR C 30 21.35 -3.18 9.80
CA THR C 30 20.58 -2.62 10.91
C THR C 30 20.81 -3.25 12.26
N GLY C 31 21.36 -4.47 12.26
CA GLY C 31 21.59 -5.20 13.50
C GLY C 31 20.39 -6.02 13.95
N GLU C 32 19.25 -5.89 13.28
CA GLU C 32 18.06 -6.68 13.59
C GLU C 32 18.30 -8.20 13.52
N VAL C 33 17.95 -8.89 14.62
CA VAL C 33 17.90 -10.34 14.69
C VAL C 33 16.52 -10.77 14.26
N VAL C 34 16.46 -11.83 13.46
CA VAL C 34 15.24 -12.28 12.83
C VAL C 34 15.24 -13.81 12.81
N ALA C 35 14.08 -14.41 12.58
CA ALA C 35 14.00 -15.84 12.34
C ALA C 35 13.61 -15.94 10.86
N LEU C 36 14.40 -16.66 10.07
CA LEU C 36 14.09 -16.84 8.65
C LEU C 36 13.46 -18.21 8.36
N LYS C 37 12.25 -18.21 7.84
CA LYS C 37 11.62 -19.45 7.42
C LYS C 37 11.82 -19.55 5.91
N LYS C 38 12.64 -20.51 5.54
CA LYS C 38 13.08 -20.73 4.17
C LYS C 38 12.19 -21.82 3.59
N ILE C 39 11.63 -21.56 2.42
CA ILE C 39 10.66 -22.48 1.82
C ILE C 39 11.06 -22.80 0.38
N ARG C 40 11.35 -24.08 0.17
CA ARG C 40 11.76 -24.61 -1.12
C ARG C 40 10.50 -24.64 -1.95
N LEU C 41 10.51 -23.91 -3.07
CA LEU C 41 9.30 -23.84 -3.91
C LEU C 41 9.31 -25.00 -4.90
N ASP C 42 8.14 -25.60 -5.06
CA ASP C 42 7.95 -26.75 -5.94
C ASP C 42 7.63 -26.26 -7.33
N THR C 43 8.65 -25.73 -8.01
CA THR C 43 8.49 -25.35 -9.38
C THR C 43 8.38 -26.68 -10.17
N GLU C 44 7.99 -26.63 -11.44
CA GLU C 44 7.70 -27.86 -12.22
C GLU C 44 6.56 -28.77 -11.70
N THR C 45 6.25 -28.75 -10.39
CA THR C 45 5.15 -29.60 -9.83
C THR C 45 3.98 -28.87 -9.14
N GLU C 46 4.10 -28.53 -7.86
CA GLU C 46 2.92 -28.06 -7.12
C GLU C 46 2.88 -26.57 -6.67
N GLY C 47 3.99 -25.85 -6.88
CA GLY C 47 4.01 -24.40 -6.68
C GLY C 47 4.24 -24.01 -5.25
N VAL C 48 3.59 -22.92 -4.85
CA VAL C 48 3.64 -22.40 -3.47
C VAL C 48 2.70 -23.18 -2.59
N PRO C 49 3.20 -23.75 -1.47
CA PRO C 49 2.35 -24.50 -0.54
C PRO C 49 1.20 -23.68 0.03
N SER C 50 0.02 -24.29 0.16
CA SER C 50 -1.13 -23.62 0.78
C SER C 50 -0.83 -23.18 2.18
N THR C 51 0.04 -23.90 2.89
CA THR C 51 0.38 -23.52 4.27
C THR C 51 1.15 -22.19 4.31
N ALA C 52 2.05 -22.00 3.34
CA ALA C 52 2.78 -20.77 3.20
C ALA C 52 1.82 -19.68 2.75
N ILE C 53 0.99 -19.96 1.76
CA ILE C 53 -0.05 -19.05 1.31
C ILE C 53 -0.96 -18.60 2.45
N ARG C 54 -1.57 -19.55 3.18
CA ARG C 54 -2.33 -19.25 4.39
C ARG C 54 -1.53 -18.53 5.45
N GLU C 55 -0.40 -19.08 5.88
CA GLU C 55 0.40 -18.39 6.90
C GLU C 55 0.66 -16.96 6.49
N ILE C 56 1.07 -16.73 5.23
CA ILE C 56 1.37 -15.37 4.73
C ILE C 56 0.17 -14.42 4.62
N SER C 57 -0.95 -14.84 4.02
CA SER C 57 -2.13 -13.96 3.92
C SER C 57 -2.76 -13.57 5.26
N LEU C 58 -2.74 -14.49 6.20
CA LEU C 58 -3.43 -14.31 7.48
C LEU C 58 -2.58 -13.54 8.46
N LEU C 59 -1.29 -13.84 8.49
CA LEU C 59 -0.39 -13.15 9.36
C LEU C 59 -0.19 -11.68 8.96
N LYS C 60 -0.45 -11.32 7.69
CA LYS C 60 -0.40 -9.93 7.21
C LYS C 60 -1.59 -9.11 7.68
N GLU C 61 -2.71 -9.80 7.90
CA GLU C 61 -3.90 -9.17 8.47
C GLU C 61 -3.78 -8.99 9.99
N LEU C 62 -3.08 -9.92 10.64
CA LEU C 62 -3.08 -9.98 12.09
C LEU C 62 -1.90 -9.24 12.72
N ASN C 63 -2.08 -7.96 13.00
CA ASN C 63 -1.10 -7.19 13.80
C ASN C 63 -1.55 -6.93 15.23
N HIS C 64 -0.91 -7.63 16.18
CA HIS C 64 -1.25 -7.57 17.60
C HIS C 64 -0.01 -7.85 18.44
N PRO C 65 0.19 -7.13 19.58
CA PRO C 65 1.36 -7.38 20.45
C PRO C 65 1.62 -8.84 20.84
N ASN C 66 0.58 -9.65 20.80
CA ASN C 66 0.67 -11.04 21.23
C ASN C 66 0.64 -12.09 20.11
N ILE C 67 0.81 -11.59 18.88
CA ILE C 67 0.98 -12.39 17.67
C ILE C 67 2.31 -11.98 17.01
N VAL C 68 3.05 -12.99 16.54
CA VAL C 68 4.39 -12.83 15.95
C VAL C 68 4.36 -11.99 14.65
N LYS C 69 5.28 -11.03 14.54
CA LYS C 69 5.32 -10.18 13.34
C LYS C 69 6.00 -10.91 12.21
N LEU C 70 5.27 -11.11 11.11
CA LEU C 70 5.86 -11.30 9.77
C LEU C 70 6.36 -9.95 9.28
N LEU C 71 7.67 -9.84 9.06
CA LEU C 71 8.33 -8.56 8.88
C LEU C 71 8.48 -8.33 7.39
N ASP C 72 8.74 -9.43 6.68
CA ASP C 72 8.98 -9.36 5.24
C ASP C 72 8.77 -10.74 4.61
N VAL C 73 8.45 -10.70 3.32
CA VAL C 73 8.43 -11.89 2.49
C VAL C 73 9.38 -11.58 1.37
N ILE C 74 10.37 -12.45 1.17
CA ILE C 74 11.31 -12.35 0.04
C ILE C 74 11.10 -13.55 -0.88
N HIS C 75 10.78 -13.22 -2.12
CA HIS C 75 9.98 -14.10 -2.95
C HIS C 75 10.68 -14.32 -4.30
N THR C 76 11.72 -15.15 -4.28
CA THR C 76 12.44 -15.56 -5.51
C THR C 76 11.65 -16.64 -6.27
N GLU C 77 12.10 -16.99 -7.47
CA GLU C 77 11.44 -18.06 -8.26
C GLU C 77 11.82 -19.45 -7.74
N ASN C 78 12.92 -19.47 -6.99
CA ASN C 78 13.54 -20.65 -6.40
C ASN C 78 12.91 -20.97 -5.04
N LYS C 79 12.82 -19.94 -4.21
CA LYS C 79 12.60 -20.06 -2.79
C LYS C 79 11.64 -18.97 -2.35
N LEU C 80 11.09 -19.14 -1.16
CA LEU C 80 10.36 -18.09 -0.50
C LEU C 80 10.97 -17.98 0.91
N TYR C 81 11.31 -16.75 1.31
CA TYR C 81 11.72 -16.48 2.71
C TYR C 81 10.70 -15.65 3.40
N LEU C 82 10.32 -16.10 4.58
CA LEU C 82 9.48 -15.32 5.44
C LEU C 82 10.39 -14.83 6.54
N VAL C 83 10.30 -13.55 6.84
CA VAL C 83 11.15 -12.90 7.81
C VAL C 83 10.27 -12.57 9.03
N PHE C 84 10.58 -13.21 10.15
CA PHE C 84 9.83 -13.02 11.38
C PHE C 84 10.70 -12.26 12.32
N GLU C 85 10.11 -11.52 13.24
CA GLU C 85 10.87 -11.01 14.35
C GLU C 85 11.44 -12.24 15.10
N PHE C 86 12.60 -12.10 15.71
CA PHE C 86 13.17 -13.12 16.57
C PHE C 86 12.77 -12.95 18.06
N LEU C 87 12.16 -13.99 18.64
CA LEU C 87 11.95 -14.04 20.09
C LEU C 87 12.87 -15.08 20.75
N HIS C 88 13.35 -14.74 21.93
CA HIS C 88 14.37 -15.53 22.64
C HIS C 88 14.15 -17.07 22.59
N GLN C 89 12.92 -17.53 22.84
CA GLN C 89 12.61 -18.97 22.95
C GLN C 89 11.12 -19.28 22.91
N ASP C 90 10.80 -20.57 22.79
CA ASP C 90 9.43 -21.08 22.88
C ASP C 90 8.99 -21.39 24.33
N LEU C 91 7.68 -21.54 24.60
CA LEU C 91 7.23 -21.84 25.98
C LEU C 91 7.69 -23.22 26.48
N LYS C 92 7.80 -24.19 25.57
CA LYS C 92 8.30 -25.53 25.91
C LYS C 92 9.73 -25.53 26.46
N THR C 93 10.60 -24.72 25.88
CA THR C 93 11.95 -24.55 26.42
C THR C 93 11.89 -23.97 27.84
N PHE C 94 10.96 -23.05 28.04
CA PHE C 94 10.75 -22.39 29.32
C PHE C 94 10.14 -23.35 30.34
N MET C 95 9.20 -24.18 29.90
CA MET C 95 8.69 -25.29 30.74
C MET C 95 9.85 -26.10 31.30
N ASP C 96 10.70 -26.58 30.40
CA ASP C 96 11.78 -27.52 30.74
C ASP C 96 12.81 -26.92 31.70
N ALA C 97 13.18 -25.66 31.47
CA ALA C 97 14.09 -24.93 32.36
C ALA C 97 13.49 -24.69 33.76
N SER C 98 12.17 -24.75 33.85
CA SER C 98 11.43 -24.55 35.10
C SER C 98 10.83 -25.87 35.63
N ALA C 99 11.55 -26.97 35.42
CA ALA C 99 11.05 -28.29 35.81
C ALA C 99 11.18 -28.50 37.32
N LEU C 100 12.34 -28.16 37.86
CA LEU C 100 12.64 -28.33 39.28
C LEU C 100 12.28 -27.11 40.17
N THR C 101 11.54 -26.17 39.61
CA THR C 101 11.28 -24.88 40.24
C THR C 101 9.82 -24.47 40.05
N GLY C 102 9.27 -24.83 38.88
CA GLY C 102 7.93 -24.42 38.49
C GLY C 102 7.94 -22.98 38.03
N ILE C 103 6.95 -22.61 37.23
CA ILE C 103 6.79 -21.23 36.78
C ILE C 103 5.94 -20.50 37.82
N PRO C 104 6.42 -19.33 38.32
CA PRO C 104 5.60 -18.55 39.26
C PRO C 104 4.21 -18.25 38.68
N LEU C 105 3.19 -18.29 39.54
CA LEU C 105 1.79 -18.03 39.15
C LEU C 105 1.61 -16.60 38.60
N PRO C 106 2.21 -15.59 39.26
CA PRO C 106 2.39 -14.30 38.62
C PRO C 106 2.66 -14.39 37.11
N LEU C 107 3.63 -15.22 36.74
CA LEU C 107 4.06 -15.37 35.34
C LEU C 107 3.11 -16.23 34.50
N ILE C 108 2.56 -17.30 35.09
CA ILE C 108 1.51 -18.11 34.46
C ILE C 108 0.26 -17.25 34.14
N LYS C 109 -0.12 -16.38 35.07
CA LYS C 109 -1.24 -15.46 34.89
C LYS C 109 -0.99 -14.50 33.73
N SER C 110 0.19 -13.87 33.73
CA SER C 110 0.65 -12.98 32.66
C SER C 110 0.53 -13.64 31.30
N TYR C 111 1.18 -14.79 31.16
CA TYR C 111 1.24 -15.57 29.93
C TYR C 111 -0.11 -15.98 29.36
N LEU C 112 -0.94 -16.64 30.18
CA LEU C 112 -2.31 -17.00 29.78
C LEU C 112 -3.20 -15.83 29.35
N PHE C 113 -3.17 -14.74 30.12
CA PHE C 113 -3.87 -13.49 29.79
C PHE C 113 -3.49 -12.99 28.39
N GLN C 114 -2.18 -12.93 28.13
CA GLN C 114 -1.63 -12.49 26.85
C GLN C 114 -1.93 -13.44 25.69
N LEU C 115 -1.92 -14.75 25.98
CA LEU C 115 -2.30 -15.75 24.99
C LEU C 115 -3.76 -15.62 24.58
N LEU C 116 -4.63 -15.23 25.51
CA LEU C 116 -6.07 -15.02 25.24
C LEU C 116 -6.39 -13.70 24.51
N GLN C 117 -5.55 -12.69 24.70
CA GLN C 117 -5.65 -11.46 23.94
C GLN C 117 -5.23 -11.64 22.49
N GLY C 118 -4.15 -12.40 22.30
CA GLY C 118 -3.66 -12.76 20.96
C GLY C 118 -4.69 -13.62 20.25
N LEU C 119 -5.24 -14.61 20.97
CA LEU C 119 -6.31 -15.50 20.49
C LEU C 119 -7.63 -14.82 20.16
N ALA C 120 -8.15 -14.03 21.08
CA ALA C 120 -9.33 -13.17 20.83
C ALA C 120 -9.20 -12.34 19.55
N PHE C 121 -8.00 -11.88 19.26
CA PHE C 121 -7.70 -11.15 18.03
C PHE C 121 -7.82 -12.05 16.79
N CYS C 122 -7.17 -13.21 16.81
CA CYS C 122 -7.39 -14.20 15.76
C CYS C 122 -8.88 -14.44 15.53
N HIS C 123 -9.58 -14.83 16.59
CA HIS C 123 -10.98 -15.24 16.44
C HIS C 123 -11.90 -14.11 15.92
N SER C 124 -11.60 -12.87 16.35
CA SER C 124 -12.29 -11.65 15.89
C SER C 124 -12.02 -11.33 14.42
N HIS C 125 -10.87 -11.77 13.92
CA HIS C 125 -10.45 -11.51 12.53
C HIS C 125 -10.63 -12.73 11.63
N ARG C 126 -11.61 -13.56 12.01
CA ARG C 126 -11.94 -14.88 11.46
C ARG C 126 -10.79 -15.87 11.24
N VAL C 127 -9.86 -15.95 12.19
CA VAL C 127 -8.74 -16.89 12.05
C VAL C 127 -8.73 -17.97 13.16
N LEU C 128 -8.73 -19.24 12.72
CA LEU C 128 -8.41 -20.40 13.56
C LEU C 128 -6.90 -20.70 13.47
N HIS C 129 -6.23 -20.82 14.61
CA HIS C 129 -4.81 -21.16 14.67
C HIS C 129 -4.64 -22.62 14.32
N ARG C 130 -5.24 -23.47 15.16
CA ARG C 130 -5.34 -24.93 14.98
C ARG C 130 -4.07 -25.72 15.28
N ASP C 131 -3.17 -25.14 16.05
CA ASP C 131 -1.90 -25.79 16.37
C ASP C 131 -1.23 -25.10 17.56
N LEU C 132 -2.00 -24.86 18.61
CA LEU C 132 -1.44 -24.24 19.80
C LEU C 132 -0.79 -25.34 20.67
N LYS C 133 0.48 -25.14 20.99
CA LYS C 133 1.29 -26.04 21.80
C LYS C 133 2.51 -25.20 22.24
N PRO C 134 3.14 -25.55 23.39
CA PRO C 134 4.23 -24.71 23.92
C PRO C 134 5.42 -24.45 22.97
N GLN C 135 5.49 -25.23 21.89
CA GLN C 135 6.54 -25.12 20.90
C GLN C 135 6.25 -24.00 19.88
N ASN C 136 4.98 -23.59 19.80
CA ASN C 136 4.51 -22.54 18.89
C ASN C 136 4.14 -21.29 19.62
N LEU C 137 4.63 -21.13 20.84
CA LEU C 137 4.36 -19.97 21.63
C LEU C 137 5.70 -19.44 22.06
N LEU C 138 5.95 -18.18 21.78
CA LEU C 138 7.28 -17.63 21.92
C LEU C 138 7.30 -16.53 22.94
N ILE C 139 8.38 -16.49 23.71
CA ILE C 139 8.52 -15.54 24.79
C ILE C 139 9.76 -14.67 24.56
N ASN C 140 9.73 -13.44 25.09
CA ASN C 140 10.93 -12.65 25.22
C ASN C 140 11.42 -12.55 26.66
N THR C 141 12.45 -11.75 26.87
CA THR C 141 13.12 -11.61 28.16
C THR C 141 12.45 -10.55 29.04
N GLU C 142 11.40 -9.91 28.48
CA GLU C 142 10.72 -8.78 29.10
C GLU C 142 9.29 -9.11 29.53
N GLY C 143 8.86 -10.36 29.34
CA GLY C 143 7.52 -10.82 29.77
C GLY C 143 6.37 -10.93 28.76
N ALA C 144 6.64 -10.68 27.48
CA ALA C 144 5.68 -10.93 26.39
C ALA C 144 5.65 -12.40 25.95
N ILE C 145 4.46 -12.87 25.59
CA ILE C 145 4.31 -14.14 24.91
C ILE C 145 3.47 -13.94 23.64
N LYS C 146 3.75 -14.75 22.62
CA LYS C 146 3.11 -14.61 21.31
C LYS C 146 2.69 -15.92 20.64
N LEU C 147 1.59 -15.85 19.91
CA LEU C 147 1.12 -16.93 19.08
C LEU C 147 1.97 -16.93 17.82
N ALA C 148 2.41 -18.11 17.39
CA ALA C 148 3.28 -18.23 16.25
C ALA C 148 2.98 -19.54 15.54
N ASP C 149 3.66 -19.75 14.40
CA ASP C 149 3.44 -20.87 13.49
C ASP C 149 1.98 -20.95 13.03
N PHE C 150 1.61 -20.05 12.15
CA PHE C 150 0.27 -19.96 11.61
C PHE C 150 0.19 -20.84 10.37
N GLY C 151 1.10 -21.78 10.29
CA GLY C 151 1.16 -22.72 9.18
C GLY C 151 -0.02 -23.67 9.12
N LEU C 152 -0.70 -23.86 10.26
CA LEU C 152 -1.90 -24.71 10.30
C LEU C 152 -3.22 -23.92 10.42
N ALA C 153 -3.10 -22.59 10.56
CA ALA C 153 -4.24 -21.66 10.56
C ALA C 153 -5.18 -21.65 9.33
N ARG C 154 -6.44 -21.25 9.55
CA ARG C 154 -7.42 -21.13 8.47
C ARG C 154 -8.35 -19.91 8.67
N ALA C 155 -8.76 -19.29 7.55
CA ALA C 155 -9.80 -18.26 7.56
C ALA C 155 -11.13 -18.96 7.64
N PHE C 156 -11.82 -18.82 8.78
CA PHE C 156 -13.13 -19.43 8.93
C PHE C 156 -14.31 -18.54 8.50
N GLY C 157 -15.34 -19.14 7.93
CA GLY C 157 -16.57 -18.43 7.61
C GLY C 157 -17.55 -18.60 8.76
N VAL C 158 -18.55 -17.74 8.82
CA VAL C 158 -19.62 -17.83 9.86
C VAL C 158 -21.01 -18.01 9.21
N PRO C 159 -21.68 -19.16 9.46
CA PRO C 159 -21.26 -20.29 10.29
C PRO C 159 -20.22 -21.17 9.58
N VAL C 160 -19.30 -21.74 10.36
CA VAL C 160 -18.23 -22.58 9.82
C VAL C 160 -18.77 -23.70 8.93
N ARG C 161 -17.95 -24.13 7.97
CA ARG C 161 -18.17 -25.36 7.25
C ARG C 161 -17.30 -26.45 7.91
N THR C 162 -17.26 -27.60 7.24
CA THR C 162 -16.33 -28.67 7.54
C THR C 162 -14.93 -28.26 7.09
N TYR C 163 -13.93 -28.54 7.94
CA TYR C 163 -12.55 -28.20 7.66
C TYR C 163 -11.62 -29.45 7.77
N TPO C 164 -10.31 -29.26 7.86
CA TPO C 164 -9.38 -30.39 7.88
CB TPO C 164 -7.99 -29.88 7.48
CG2 TPO C 164 -7.01 -31.04 7.33
OG1 TPO C 164 -8.04 -29.18 6.23
P TPO C 164 -7.95 -27.56 6.05
O1P TPO C 164 -9.01 -26.98 6.94
O2P TPO C 164 -6.54 -27.18 6.46
O3P TPO C 164 -8.25 -27.38 4.58
C TPO C 164 -9.37 -31.06 9.24
O TPO C 164 -9.37 -30.36 10.26
N HIS C 165 -9.35 -32.39 9.26
CA HIS C 165 -9.24 -33.16 10.51
C HIS C 165 -7.83 -33.29 11.08
N GLU C 166 -6.82 -33.39 10.21
CA GLU C 166 -5.44 -33.64 10.65
C GLU C 166 -4.87 -32.36 11.30
N VAL C 167 -5.39 -32.08 12.49
CA VAL C 167 -5.44 -30.75 13.08
C VAL C 167 -5.17 -30.83 14.59
N VAL C 168 -4.35 -29.91 15.08
CA VAL C 168 -3.80 -29.90 16.46
C VAL C 168 -2.89 -31.10 16.73
N THR C 169 -1.75 -30.85 17.34
CA THR C 169 -0.86 -31.88 17.90
C THR C 169 -1.65 -32.62 19.00
N LEU C 170 -1.49 -33.95 19.08
CA LEU C 170 -2.39 -34.85 19.81
C LEU C 170 -2.80 -34.37 21.21
N TRP C 171 -1.85 -34.45 22.15
CA TRP C 171 -1.97 -33.93 23.52
C TRP C 171 -2.88 -32.70 23.72
N TYR C 172 -2.95 -31.85 22.67
CA TYR C 172 -3.63 -30.54 22.70
C TYR C 172 -4.94 -30.50 21.89
N ARG C 173 -5.32 -31.67 21.36
CA ARG C 173 -6.51 -31.81 20.54
C ARG C 173 -7.79 -31.95 21.38
N ALA C 174 -8.76 -31.11 21.01
CA ALA C 174 -10.04 -30.99 21.63
C ALA C 174 -10.86 -32.22 21.28
N PRO C 175 -11.73 -32.69 22.22
CA PRO C 175 -12.53 -33.92 22.09
C PRO C 175 -13.36 -33.98 20.80
N GLU C 176 -13.94 -32.86 20.38
CA GLU C 176 -14.81 -32.83 19.21
C GLU C 176 -14.05 -33.09 17.90
N ILE C 177 -12.75 -32.82 17.88
CA ILE C 177 -11.91 -33.22 16.76
C ILE C 177 -11.69 -34.75 16.86
N LEU C 178 -11.18 -35.20 18.00
CA LEU C 178 -10.85 -36.62 18.25
C LEU C 178 -11.99 -37.58 17.91
N LEU C 179 -13.23 -37.07 18.01
CA LEU C 179 -14.43 -37.85 17.70
C LEU C 179 -14.71 -37.88 16.20
N GLY C 180 -14.77 -36.71 15.56
CA GLY C 180 -14.98 -36.65 14.11
C GLY C 180 -16.20 -35.89 13.64
N CYS C 181 -16.58 -34.86 14.39
CA CYS C 181 -17.66 -33.94 14.02
C CYS C 181 -17.35 -33.16 12.77
N LYS C 182 -18.38 -33.01 11.93
CA LYS C 182 -18.25 -32.30 10.67
C LYS C 182 -18.14 -30.77 10.85
N TYR C 183 -18.16 -30.31 12.11
CA TYR C 183 -17.99 -28.88 12.42
C TYR C 183 -17.11 -28.68 13.64
N TYR C 184 -16.14 -27.78 13.51
CA TYR C 184 -15.41 -27.28 14.65
C TYR C 184 -15.05 -25.81 14.38
N SER C 185 -14.60 -25.11 15.42
CA SER C 185 -14.46 -23.67 15.36
C SER C 185 -13.54 -23.19 16.48
N THR C 186 -13.75 -21.95 16.93
CA THR C 186 -12.86 -21.26 17.88
C THR C 186 -12.53 -22.06 19.13
N ALA C 187 -13.53 -22.82 19.60
CA ALA C 187 -13.47 -23.68 20.78
C ALA C 187 -12.23 -24.55 20.89
N VAL C 188 -11.81 -25.10 19.75
CA VAL C 188 -10.66 -26.03 19.70
C VAL C 188 -9.38 -25.38 20.15
N ASP C 189 -9.31 -24.05 19.96
CA ASP C 189 -8.13 -23.23 20.29
C ASP C 189 -8.10 -22.91 21.78
N ILE C 190 -9.29 -22.83 22.37
CA ILE C 190 -9.43 -22.59 23.81
C ILE C 190 -9.09 -23.89 24.57
N TRP C 191 -9.48 -25.03 24.02
CA TRP C 191 -9.10 -26.32 24.59
C TRP C 191 -7.58 -26.42 24.77
N SER C 192 -6.85 -26.19 23.66
CA SER C 192 -5.38 -26.11 23.62
C SER C 192 -4.77 -25.19 24.66
N LEU C 193 -5.35 -24.01 24.84
CA LEU C 193 -4.87 -23.06 25.83
C LEU C 193 -5.25 -23.50 27.24
N GLY C 194 -6.25 -24.38 27.34
CA GLY C 194 -6.66 -25.00 28.59
C GLY C 194 -5.63 -26.04 29.03
N CYS C 195 -5.13 -26.82 28.07
CA CYS C 195 -4.13 -27.85 28.33
C CYS C 195 -2.74 -27.27 28.65
N ILE C 196 -2.46 -26.13 28.03
CA ILE C 196 -1.20 -25.39 28.19
C ILE C 196 -1.17 -24.62 29.52
N PHE C 197 -2.33 -24.09 29.92
CA PHE C 197 -2.50 -23.45 31.22
C PHE C 197 -2.27 -24.51 32.32
N ALA C 198 -3.04 -25.59 32.27
CA ALA C 198 -2.88 -26.74 33.16
C ALA C 198 -1.44 -27.25 33.21
N GLU C 199 -0.76 -27.28 32.05
CA GLU C 199 0.63 -27.76 31.95
C GLU C 199 1.70 -26.79 32.49
N MET C 200 1.44 -25.47 32.39
CA MET C 200 2.29 -24.46 33.04
C MET C 200 2.35 -24.63 34.59
N VAL C 201 1.19 -24.88 35.21
CA VAL C 201 1.11 -25.11 36.65
C VAL C 201 1.60 -26.52 37.06
N THR C 202 0.97 -27.59 36.55
CA THR C 202 1.31 -28.98 36.94
C THR C 202 2.69 -29.47 36.49
N ARG C 203 3.39 -28.62 35.71
CA ARG C 203 4.75 -28.86 35.23
C ARG C 203 4.89 -29.89 34.11
N ARG C 204 3.90 -30.79 33.97
CA ARG C 204 3.85 -31.67 32.80
C ARG C 204 2.52 -31.61 32.04
N ALA C 205 2.49 -32.20 30.84
CA ALA C 205 1.32 -32.19 29.95
C ALA C 205 0.07 -32.73 30.64
N LEU C 206 -1.08 -32.11 30.36
CA LEU C 206 -2.35 -32.55 30.97
C LEU C 206 -2.85 -33.93 30.46
N PHE C 207 -3.01 -34.06 29.14
CA PHE C 207 -3.45 -35.32 28.53
C PHE C 207 -2.42 -35.82 27.52
N PRO C 208 -1.33 -36.47 28.01
CA PRO C 208 -0.23 -36.80 27.11
C PRO C 208 -0.38 -38.19 26.49
N GLY C 209 -1.43 -38.39 25.71
CA GLY C 209 -1.70 -39.67 25.05
C GLY C 209 -0.77 -40.10 23.93
N ASP C 210 -0.96 -41.35 23.50
CA ASP C 210 -0.19 -41.97 22.42
C ASP C 210 -1.09 -42.80 21.49
N SER C 211 -2.26 -42.23 21.17
CA SER C 211 -3.27 -42.83 20.30
C SER C 211 -4.42 -41.85 20.27
N GLU C 212 -5.20 -41.85 19.18
CA GLU C 212 -6.47 -41.13 19.15
C GLU C 212 -7.43 -41.72 20.20
N ILE C 213 -7.32 -43.03 20.40
CA ILE C 213 -8.09 -43.78 21.40
C ILE C 213 -7.62 -43.50 22.84
N ASP C 214 -6.31 -43.56 23.08
CA ASP C 214 -5.73 -43.33 24.43
C ASP C 214 -5.80 -41.86 24.86
N GLN C 215 -5.87 -40.95 23.88
CA GLN C 215 -6.13 -39.52 24.15
C GLN C 215 -7.52 -39.37 24.81
N LEU C 216 -8.51 -40.07 24.22
CA LEU C 216 -9.89 -40.07 24.75
C LEU C 216 -10.03 -40.63 26.18
N PHE C 217 -9.70 -41.92 26.39
CA PHE C 217 -9.65 -42.48 27.75
C PHE C 217 -9.07 -41.42 28.72
N ARG C 218 -7.83 -41.01 28.47
CA ARG C 218 -7.09 -40.06 29.33
C ARG C 218 -7.81 -38.75 29.68
N ILE C 219 -8.61 -38.26 28.73
CA ILE C 219 -9.40 -37.05 28.93
C ILE C 219 -10.61 -37.38 29.82
N PHE C 220 -11.23 -38.53 29.56
CA PHE C 220 -12.43 -38.99 30.29
C PHE C 220 -12.21 -39.32 31.78
N ARG C 221 -11.03 -39.82 32.15
CA ARG C 221 -10.72 -40.06 33.58
C ARG C 221 -10.54 -38.79 34.37
N THR C 222 -10.22 -37.71 33.64
CA THR C 222 -10.08 -36.39 34.22
C THR C 222 -11.42 -35.64 34.23
N LEU C 223 -12.26 -35.91 33.21
CA LEU C 223 -13.41 -35.05 32.92
C LEU C 223 -14.81 -35.70 32.88
N GLY C 224 -14.88 -37.03 32.77
CA GLY C 224 -16.17 -37.74 32.67
C GLY C 224 -16.70 -37.91 31.26
N THR C 225 -17.40 -39.02 31.00
CA THR C 225 -17.85 -39.34 29.62
C THR C 225 -19.12 -38.57 29.22
N PRO C 226 -19.02 -37.70 28.17
CA PRO C 226 -20.14 -36.88 27.68
C PRO C 226 -21.44 -37.64 27.38
N ASP C 227 -22.56 -37.03 27.78
CA ASP C 227 -23.90 -37.49 27.43
C ASP C 227 -24.72 -36.28 26.96
N GLU C 228 -25.99 -36.53 26.64
CA GLU C 228 -26.93 -35.51 26.14
C GLU C 228 -27.15 -34.31 27.08
N VAL C 229 -27.05 -34.56 28.39
CA VAL C 229 -27.15 -33.50 29.40
C VAL C 229 -25.99 -32.49 29.33
N VAL C 230 -24.76 -32.99 29.08
CA VAL C 230 -23.58 -32.11 28.99
C VAL C 230 -23.39 -31.48 27.61
N TRP C 231 -23.81 -32.22 26.58
CA TRP C 231 -23.50 -31.89 25.17
C TRP C 231 -24.67 -32.36 24.30
N PRO C 232 -25.77 -31.55 24.20
CA PRO C 232 -26.95 -32.01 23.44
C PRO C 232 -26.58 -32.49 22.02
N GLY C 233 -27.02 -33.71 21.69
CA GLY C 233 -26.75 -34.32 20.38
C GLY C 233 -25.32 -34.78 20.10
N VAL C 234 -24.72 -35.48 21.06
CA VAL C 234 -23.38 -36.08 20.86
C VAL C 234 -23.50 -37.36 20.03
N THR C 235 -24.54 -38.15 20.33
CA THR C 235 -24.78 -39.44 19.67
C THR C 235 -25.17 -39.35 18.18
N SER C 236 -25.46 -38.13 17.75
CA SER C 236 -25.87 -37.85 16.37
C SER C 236 -24.66 -37.58 15.47
N MET C 237 -23.50 -37.35 16.09
CA MET C 237 -22.23 -37.10 15.38
C MET C 237 -21.75 -38.29 14.52
N PRO C 238 -21.00 -37.99 13.43
CA PRO C 238 -20.42 -38.97 12.49
C PRO C 238 -19.61 -40.13 13.09
N ASP C 239 -18.85 -39.89 14.17
CA ASP C 239 -18.01 -40.99 14.72
C ASP C 239 -18.17 -41.44 16.19
N TYR C 240 -19.11 -40.83 16.93
CA TYR C 240 -19.45 -41.30 18.27
C TYR C 240 -19.81 -42.79 18.22
N LYS C 241 -19.66 -43.48 19.34
CA LYS C 241 -20.02 -44.91 19.48
C LYS C 241 -20.97 -45.11 20.66
N PRO C 242 -21.99 -45.98 20.48
CA PRO C 242 -22.77 -46.48 21.63
C PRO C 242 -21.94 -47.38 22.56
N SER C 243 -20.87 -47.96 22.03
CA SER C 243 -19.92 -48.83 22.77
C SER C 243 -18.92 -48.09 23.69
N PHE C 244 -18.69 -46.80 23.43
CA PHE C 244 -17.91 -45.92 24.33
C PHE C 244 -18.38 -46.10 25.78
N PRO C 245 -17.44 -46.40 26.70
CA PRO C 245 -17.84 -46.64 28.09
C PRO C 245 -18.16 -45.32 28.81
N LYS C 246 -18.98 -45.40 29.86
CA LYS C 246 -19.47 -44.22 30.58
C LYS C 246 -18.74 -43.96 31.90
N TRP C 247 -17.65 -43.19 31.81
CA TRP C 247 -16.83 -42.84 32.97
C TRP C 247 -17.33 -41.56 33.64
N ALA C 248 -17.57 -41.65 34.95
CA ALA C 248 -18.09 -40.55 35.77
C ALA C 248 -17.08 -39.42 35.87
N ARG C 249 -17.58 -38.23 36.21
CA ARG C 249 -16.76 -37.01 36.25
C ARG C 249 -15.79 -36.98 37.44
N GLN C 250 -14.58 -36.45 37.19
CA GLN C 250 -13.60 -36.26 38.26
C GLN C 250 -13.59 -34.82 38.74
N ASP C 251 -13.97 -34.60 40.01
CA ASP C 251 -14.05 -33.27 40.61
C ASP C 251 -12.74 -32.51 40.40
N PHE C 252 -12.84 -31.21 40.16
CA PHE C 252 -11.78 -30.46 39.50
C PHE C 252 -10.53 -30.13 40.33
N SER C 253 -10.67 -30.22 41.66
CA SER C 253 -9.61 -29.85 42.62
C SER C 253 -8.41 -30.80 42.65
N LYS C 254 -8.58 -32.01 42.10
CA LYS C 254 -7.47 -32.98 42.05
C LYS C 254 -6.73 -32.90 40.71
N VAL C 255 -7.32 -32.20 39.74
CA VAL C 255 -6.81 -32.14 38.35
C VAL C 255 -5.54 -31.30 38.22
N VAL C 256 -5.60 -30.07 38.71
CA VAL C 256 -4.43 -29.22 38.84
C VAL C 256 -4.48 -28.66 40.26
N PRO C 257 -3.97 -29.43 41.25
CA PRO C 257 -4.00 -29.02 42.66
C PRO C 257 -3.39 -27.66 43.06
N PRO C 258 -2.25 -27.24 42.44
CA PRO C 258 -1.71 -25.89 42.77
C PRO C 258 -2.61 -24.66 42.48
N LEU C 259 -3.85 -24.89 42.04
CA LEU C 259 -4.73 -23.82 41.60
C LEU C 259 -5.84 -23.52 42.60
N ASP C 260 -6.19 -22.23 42.71
CA ASP C 260 -7.27 -21.79 43.60
C ASP C 260 -8.63 -21.78 42.89
N GLU C 261 -9.69 -21.44 43.62
CA GLU C 261 -11.07 -21.38 43.09
C GLU C 261 -11.15 -20.70 41.71
N ASP C 262 -10.54 -19.52 41.60
CA ASP C 262 -10.53 -18.76 40.35
C ASP C 262 -9.75 -19.47 39.23
N GLY C 263 -8.57 -19.98 39.56
CA GLY C 263 -7.76 -20.74 38.61
C GLY C 263 -8.42 -22.05 38.19
N ARG C 264 -9.31 -22.55 39.04
CA ARG C 264 -10.02 -23.80 38.80
C ARG C 264 -11.26 -23.57 37.96
N SER C 265 -12.01 -22.51 38.26
CA SER C 265 -13.21 -22.16 37.50
C SER C 265 -12.93 -21.95 36.01
N LEU C 266 -11.87 -21.20 35.70
CA LEU C 266 -11.52 -20.84 34.33
C LEU C 266 -11.09 -22.04 33.52
N LEU C 267 -10.14 -22.79 34.07
CA LEU C 267 -9.66 -24.01 33.45
C LEU C 267 -10.81 -24.94 33.07
N SER C 268 -11.83 -25.03 33.94
CA SER C 268 -12.99 -25.90 33.69
C SER C 268 -13.88 -25.40 32.55
N GLN C 269 -14.09 -24.08 32.51
CA GLN C 269 -14.81 -23.44 31.41
C GLN C 269 -14.02 -23.50 30.11
N MET C 270 -12.69 -23.58 30.22
CA MET C 270 -11.79 -23.78 29.05
C MET C 270 -11.67 -25.22 28.59
N LEU C 271 -11.99 -26.15 29.49
CA LEU C 271 -11.97 -27.59 29.19
C LEU C 271 -13.37 -28.22 29.12
N HIS C 272 -14.41 -27.38 29.01
CA HIS C 272 -15.79 -27.86 28.91
C HIS C 272 -15.99 -28.68 27.63
N TYR C 273 -16.79 -29.74 27.70
CA TYR C 273 -17.04 -30.64 26.57
C TYR C 273 -17.81 -29.99 25.43
N ASP C 274 -19.00 -29.48 25.74
CA ASP C 274 -19.86 -28.85 24.74
C ASP C 274 -19.17 -27.59 24.25
N PRO C 275 -18.74 -27.56 22.96
CA PRO C 275 -17.91 -26.44 22.49
C PRO C 275 -18.66 -25.10 22.52
N ASN C 276 -19.99 -25.18 22.45
CA ASN C 276 -20.86 -24.01 22.53
C ASN C 276 -20.92 -23.49 23.95
N LYS C 277 -20.69 -24.37 24.93
CA LYS C 277 -20.64 -23.97 26.33
C LYS C 277 -19.21 -23.85 26.88
N ARG C 278 -18.22 -24.19 26.04
CA ARG C 278 -16.82 -23.87 26.31
C ARG C 278 -16.60 -22.38 26.10
N ILE C 279 -15.89 -21.77 27.04
CA ILE C 279 -15.70 -20.32 27.04
C ILE C 279 -14.95 -19.83 25.81
N SER C 280 -15.33 -18.63 25.35
CA SER C 280 -14.61 -17.90 24.31
C SER C 280 -13.40 -17.18 24.93
N ALA C 281 -12.52 -16.68 24.06
CA ALA C 281 -11.33 -15.96 24.47
C ALA C 281 -11.63 -14.54 24.97
N LYS C 282 -12.57 -13.83 24.31
CA LYS C 282 -13.05 -12.53 24.80
C LYS C 282 -13.51 -12.64 26.26
N ALA C 283 -14.29 -13.68 26.54
CA ALA C 283 -14.94 -13.85 27.85
C ALA C 283 -14.01 -14.42 28.92
N ALA C 284 -13.00 -15.18 28.52
CA ALA C 284 -12.01 -15.67 29.49
C ALA C 284 -11.13 -14.52 29.99
N LEU C 285 -10.98 -13.51 29.14
CA LEU C 285 -10.23 -12.30 29.45
C LEU C 285 -10.86 -11.47 30.56
N ALA C 286 -12.18 -11.60 30.68
CA ALA C 286 -12.97 -10.91 31.70
C ALA C 286 -13.23 -11.78 32.93
N HIS C 287 -12.39 -12.78 33.16
CA HIS C 287 -12.51 -13.70 34.29
C HIS C 287 -11.91 -13.06 35.55
N PRO C 288 -12.53 -13.32 36.74
CA PRO C 288 -11.98 -12.87 38.04
C PRO C 288 -10.53 -13.33 38.38
N PHE C 289 -10.02 -14.30 37.62
CA PHE C 289 -8.63 -14.76 37.77
C PHE C 289 -7.61 -13.67 37.37
N PHE C 290 -7.97 -12.82 36.40
CA PHE C 290 -7.04 -11.86 35.84
C PHE C 290 -7.15 -10.43 36.42
N GLN C 291 -8.02 -10.22 37.40
CA GLN C 291 -8.18 -8.88 38.00
C GLN C 291 -6.84 -8.31 38.54
N ASP C 292 -6.02 -9.19 39.11
CA ASP C 292 -4.73 -8.81 39.69
C ASP C 292 -3.51 -9.03 38.77
N VAL C 293 -3.77 -9.28 37.48
CA VAL C 293 -2.69 -9.51 36.50
C VAL C 293 -1.64 -8.40 36.45
N THR C 294 -0.38 -8.83 36.48
CA THR C 294 0.79 -7.99 36.24
C THR C 294 1.61 -8.64 35.13
N LYS C 295 2.71 -8.01 34.75
CA LYS C 295 3.56 -8.53 33.67
C LYS C 295 5.01 -8.72 34.16
N PRO C 296 5.28 -9.84 34.88
CA PRO C 296 6.64 -10.17 35.32
C PRO C 296 7.61 -10.51 34.18
N VAL C 297 8.90 -10.34 34.46
CA VAL C 297 9.98 -10.78 33.59
C VAL C 297 10.26 -12.25 33.89
N PRO C 298 10.43 -13.09 32.85
CA PRO C 298 10.89 -14.47 33.13
C PRO C 298 12.35 -14.49 33.62
N HIS C 299 12.80 -15.64 34.14
CA HIS C 299 14.17 -15.80 34.64
C HIS C 299 15.24 -15.38 33.62
N TYR D 6 -18.17 -13.79 18.27
CA TYR D 6 -17.40 -12.96 17.30
C TYR D 6 -18.18 -12.68 16.03
N HIS D 7 -19.42 -13.18 15.96
CA HIS D 7 -20.23 -13.04 14.74
C HIS D 7 -20.33 -11.58 14.30
N GLU D 8 -20.28 -10.69 15.29
CA GLU D 8 -20.39 -9.24 15.07
C GLU D 8 -19.04 -8.58 14.75
N ASP D 9 -18.03 -8.91 15.55
CA ASP D 9 -16.65 -8.46 15.28
C ASP D 9 -16.16 -8.89 13.91
N ILE D 10 -16.56 -10.08 13.47
CA ILE D 10 -16.20 -10.60 12.16
C ILE D 10 -16.87 -9.78 11.05
N HIS D 11 -18.19 -9.60 11.18
CA HIS D 11 -18.97 -8.74 10.27
C HIS D 11 -18.42 -7.31 10.16
N THR D 12 -18.15 -6.66 11.30
CA THR D 12 -17.54 -5.33 11.27
C THR D 12 -16.23 -5.35 10.43
N TYR D 13 -15.37 -6.32 10.72
CA TYR D 13 -14.06 -6.47 10.06
C TYR D 13 -14.14 -6.82 8.57
N LEU D 14 -15.01 -7.76 8.20
CA LEU D 14 -15.24 -8.11 6.80
C LEU D 14 -15.69 -6.90 6.00
N ARG D 15 -16.43 -6.00 6.65
CA ARG D 15 -16.96 -4.79 6.05
C ARG D 15 -15.89 -3.76 5.71
N GLU D 16 -14.89 -3.66 6.59
CA GLU D 16 -13.71 -2.84 6.37
C GLU D 16 -12.90 -3.41 5.20
N MET D 17 -12.46 -4.66 5.37
CA MET D 17 -11.70 -5.44 4.41
C MET D 17 -12.28 -5.51 2.99
N GLU D 18 -13.61 -5.46 2.85
CA GLU D 18 -14.27 -5.60 1.54
C GLU D 18 -14.07 -4.34 0.69
N VAL D 19 -13.89 -3.20 1.37
CA VAL D 19 -13.50 -1.94 0.75
C VAL D 19 -11.99 -1.95 0.35
N LYS D 20 -11.15 -2.52 1.22
CA LYS D 20 -9.70 -2.58 0.97
C LYS D 20 -9.33 -3.55 -0.16
N CYS D 21 -10.19 -4.55 -0.38
CA CYS D 21 -10.01 -5.58 -1.43
C CYS D 21 -10.77 -5.32 -2.70
N LYS D 22 -11.41 -4.17 -2.79
CA LYS D 22 -12.21 -3.85 -3.96
C LYS D 22 -11.30 -3.66 -5.15
N PRO D 23 -11.62 -4.31 -6.30
CA PRO D 23 -10.94 -4.01 -7.56
C PRO D 23 -11.20 -2.54 -7.95
N LYS D 24 -10.55 -2.07 -9.00
CA LYS D 24 -10.86 -0.77 -9.57
C LYS D 24 -12.14 -0.89 -10.40
N VAL D 25 -13.10 0.02 -10.18
CA VAL D 25 -14.38 0.00 -10.88
C VAL D 25 -14.18 0.10 -12.40
N GLY D 26 -13.26 0.96 -12.84
CA GLY D 26 -13.17 1.26 -14.26
C GLY D 26 -12.06 0.58 -15.03
N TYR D 27 -11.45 -0.45 -14.45
CA TYR D 27 -10.26 -1.10 -15.00
C TYR D 27 -10.33 -1.63 -16.43
N MET D 28 -11.50 -2.12 -16.86
CA MET D 28 -11.61 -2.77 -18.16
C MET D 28 -11.47 -1.83 -19.35
N LYS D 29 -11.90 -0.59 -19.15
CA LYS D 29 -11.80 0.45 -20.15
C LYS D 29 -10.30 0.75 -20.40
N LYS D 30 -9.49 0.47 -19.37
CA LYS D 30 -8.06 0.72 -19.44
C LYS D 30 -7.30 -0.50 -19.96
N GLN D 31 -7.97 -1.65 -20.01
CA GLN D 31 -7.43 -2.86 -20.63
C GLN D 31 -7.53 -2.73 -22.15
N PRO D 32 -6.38 -2.62 -22.85
CA PRO D 32 -6.51 -2.35 -24.29
C PRO D 32 -6.95 -3.52 -25.16
N ASP D 33 -6.76 -4.76 -24.70
CA ASP D 33 -7.06 -5.94 -25.55
C ASP D 33 -8.15 -6.84 -24.96
N ILE D 34 -8.65 -6.52 -23.77
CA ILE D 34 -9.75 -7.34 -23.24
C ILE D 34 -11.06 -6.59 -23.05
N THR D 35 -12.18 -7.33 -23.05
CA THR D 35 -13.50 -6.77 -22.82
C THR D 35 -14.25 -7.40 -21.62
N ASN D 36 -15.40 -6.86 -21.25
CA ASN D 36 -16.23 -7.39 -20.13
C ASN D 36 -16.98 -8.67 -20.50
N SER D 37 -17.01 -8.93 -21.81
CA SER D 37 -17.65 -10.10 -22.40
C SER D 37 -16.68 -11.27 -22.44
N MET D 38 -15.39 -10.94 -22.59
CA MET D 38 -14.32 -11.91 -22.42
C MET D 38 -14.27 -12.42 -20.97
N ARG D 39 -14.29 -11.48 -20.02
CA ARG D 39 -14.28 -11.74 -18.59
C ARG D 39 -15.47 -12.62 -18.17
N ALA D 40 -16.60 -12.46 -18.86
CA ALA D 40 -17.83 -13.22 -18.64
C ALA D 40 -17.68 -14.67 -19.10
N ILE D 41 -16.98 -14.84 -20.22
CA ILE D 41 -16.65 -16.16 -20.78
C ILE D 41 -15.70 -16.88 -19.81
N LEU D 42 -14.77 -16.12 -19.24
CA LEU D 42 -13.75 -16.68 -18.34
C LEU D 42 -14.37 -17.15 -17.03
N VAL D 43 -15.22 -16.30 -16.44
CA VAL D 43 -15.91 -16.57 -15.16
C VAL D 43 -16.99 -17.65 -15.29
N ASP D 44 -17.52 -17.84 -16.50
CA ASP D 44 -18.45 -18.93 -16.76
C ASP D 44 -17.74 -20.27 -16.79
N TRP D 45 -16.64 -20.30 -17.55
CA TRP D 45 -15.72 -21.43 -17.56
C TRP D 45 -15.26 -21.81 -16.14
N LEU D 46 -15.02 -20.82 -15.29
CA LEU D 46 -14.64 -21.05 -13.89
C LEU D 46 -15.75 -21.76 -13.07
N VAL D 47 -17.00 -21.45 -13.41
CA VAL D 47 -18.16 -22.06 -12.77
C VAL D 47 -18.25 -23.54 -13.14
N GLU D 48 -17.99 -23.86 -14.41
CA GLU D 48 -17.95 -25.26 -14.87
C GLU D 48 -16.85 -26.03 -14.18
N VAL D 49 -15.73 -25.37 -13.97
CA VAL D 49 -14.56 -25.97 -13.36
C VAL D 49 -14.87 -26.26 -11.90
N GLY D 50 -15.52 -25.33 -11.22
CA GLY D 50 -15.97 -25.50 -9.84
C GLY D 50 -16.86 -26.73 -9.71
N GLU D 51 -17.67 -26.95 -10.74
CA GLU D 51 -18.58 -28.10 -10.79
C GLU D 51 -17.86 -29.40 -11.12
N GLU D 52 -17.12 -29.43 -12.23
CA GLU D 52 -16.35 -30.61 -12.62
C GLU D 52 -15.41 -31.11 -11.52
N TYR D 53 -14.86 -30.17 -10.73
CA TYR D 53 -14.00 -30.55 -9.60
C TYR D 53 -14.63 -30.52 -8.19
N LYS D 54 -15.96 -30.27 -8.13
CA LYS D 54 -16.75 -30.24 -6.88
C LYS D 54 -16.20 -29.23 -5.85
N LEU D 55 -15.83 -28.05 -6.35
CA LEU D 55 -15.23 -27.04 -5.49
C LEU D 55 -16.34 -26.23 -4.80
N GLN D 56 -15.96 -25.60 -3.70
CA GLN D 56 -16.84 -24.77 -2.90
C GLN D 56 -17.20 -23.49 -3.64
N ASN D 57 -18.37 -22.97 -3.34
CA ASN D 57 -18.85 -21.75 -3.99
C ASN D 57 -17.94 -20.60 -3.64
N GLU D 58 -17.48 -20.61 -2.39
CA GLU D 58 -16.55 -19.62 -1.85
C GLU D 58 -15.26 -19.52 -2.68
N THR D 59 -14.69 -20.67 -3.03
CA THR D 59 -13.54 -20.75 -3.93
C THR D 59 -13.68 -19.98 -5.27
N LEU D 60 -14.82 -20.13 -5.95
CA LEU D 60 -15.14 -19.38 -7.17
C LEU D 60 -15.19 -17.88 -6.90
N HIS D 61 -15.85 -17.52 -5.81
CA HIS D 61 -16.04 -16.13 -5.44
C HIS D 61 -14.70 -15.46 -5.28
N LEU D 62 -13.80 -16.15 -4.56
CA LEU D 62 -12.40 -15.77 -4.35
C LEU D 62 -11.56 -15.66 -5.62
N ALA D 63 -11.59 -16.70 -6.44
CA ALA D 63 -10.83 -16.68 -7.69
C ALA D 63 -11.15 -15.44 -8.53
N VAL D 64 -12.41 -15.00 -8.48
CA VAL D 64 -12.87 -13.83 -9.25
C VAL D 64 -12.37 -12.49 -8.70
N ASN D 65 -12.38 -12.32 -7.36
CA ASN D 65 -11.75 -11.18 -6.69
C ASN D 65 -10.27 -11.13 -7.04
N TYR D 66 -9.63 -12.28 -7.22
CA TYR D 66 -8.21 -12.29 -7.52
C TYR D 66 -7.99 -11.82 -8.96
N ILE D 67 -8.78 -12.33 -9.91
CA ILE D 67 -8.71 -11.92 -11.33
C ILE D 67 -8.95 -10.43 -11.53
N ASP D 68 -9.96 -9.91 -10.83
CA ASP D 68 -10.34 -8.54 -10.92
C ASP D 68 -9.30 -7.61 -10.31
N ARG D 69 -8.82 -7.97 -9.14
CA ARG D 69 -7.68 -7.27 -8.58
C ARG D 69 -6.41 -7.38 -9.46
N PHE D 70 -6.03 -8.58 -9.93
CA PHE D 70 -4.98 -8.70 -10.96
C PHE D 70 -5.09 -7.75 -12.18
N LEU D 71 -6.22 -7.78 -12.88
CA LEU D 71 -6.44 -6.96 -14.08
C LEU D 71 -6.61 -5.48 -13.78
N SER D 72 -6.85 -5.13 -12.52
CA SER D 72 -6.78 -3.74 -12.08
C SER D 72 -5.42 -3.10 -12.32
N SER D 73 -4.34 -3.83 -12.07
CA SER D 73 -3.00 -3.25 -12.24
C SER D 73 -2.14 -3.86 -13.37
N MET D 74 -2.59 -4.98 -13.94
CA MET D 74 -1.85 -5.70 -14.97
C MET D 74 -2.57 -5.77 -16.31
N SER D 75 -1.92 -5.28 -17.33
CA SER D 75 -2.41 -5.36 -18.69
C SER D 75 -2.21 -6.77 -19.24
N VAL D 76 -3.26 -7.34 -19.82
CA VAL D 76 -3.24 -8.74 -20.24
C VAL D 76 -3.77 -8.88 -21.69
N LEU D 77 -3.05 -9.64 -22.51
CA LEU D 77 -3.54 -9.95 -23.86
C LEU D 77 -4.63 -11.00 -23.73
N ARG D 78 -5.50 -11.09 -24.74
CA ARG D 78 -6.64 -12.00 -24.72
C ARG D 78 -6.25 -13.49 -24.71
N GLY D 79 -5.11 -13.83 -25.31
CA GLY D 79 -4.59 -15.19 -25.28
C GLY D 79 -4.09 -15.63 -23.92
N LYS D 80 -3.85 -14.66 -23.02
CA LYS D 80 -3.30 -14.95 -21.68
C LYS D 80 -4.29 -14.91 -20.53
N LEU D 81 -5.50 -14.47 -20.86
CA LEU D 81 -6.61 -14.32 -19.90
C LEU D 81 -7.03 -15.57 -19.15
N GLN D 82 -7.20 -16.69 -19.85
CA GLN D 82 -7.53 -17.96 -19.19
C GLN D 82 -6.41 -18.46 -18.25
N LEU D 83 -5.17 -18.09 -18.59
CA LEU D 83 -4.02 -18.37 -17.73
C LEU D 83 -4.07 -17.59 -16.42
N VAL D 84 -4.46 -16.33 -16.47
CA VAL D 84 -4.69 -15.55 -15.26
C VAL D 84 -5.75 -16.27 -14.43
N GLY D 85 -6.83 -16.66 -15.11
CA GLY D 85 -8.00 -17.28 -14.50
C GLY D 85 -7.76 -18.63 -13.88
N THR D 86 -6.90 -19.44 -14.52
CA THR D 86 -6.51 -20.75 -13.99
C THR D 86 -5.66 -20.63 -12.72
N ALA D 87 -4.65 -19.78 -12.76
CA ALA D 87 -3.82 -19.51 -11.60
C ALA D 87 -4.62 -18.85 -10.46
N ALA D 88 -5.65 -18.06 -10.79
CA ALA D 88 -6.55 -17.53 -9.73
C ALA D 88 -7.36 -18.62 -9.02
N MET D 89 -7.95 -19.54 -9.79
CA MET D 89 -8.66 -20.71 -9.26
C MET D 89 -7.77 -21.63 -8.43
N LEU D 90 -6.61 -21.96 -8.95
CA LEU D 90 -5.59 -22.72 -8.23
C LEU D 90 -5.25 -22.06 -6.89
N LEU D 91 -4.91 -20.79 -6.91
CA LEU D 91 -4.66 -20.06 -5.66
C LEU D 91 -5.85 -20.06 -4.68
N ALA D 92 -7.07 -19.89 -5.21
CA ALA D 92 -8.31 -19.92 -4.42
C ALA D 92 -8.57 -21.29 -3.78
N SER D 93 -8.36 -22.35 -4.57
CA SER D 93 -8.40 -23.72 -4.11
C SER D 93 -7.38 -23.99 -3.01
N LYS D 94 -6.13 -23.61 -3.24
CA LYS D 94 -5.12 -23.73 -2.19
C LYS D 94 -5.49 -22.99 -0.90
N PHE D 95 -6.08 -21.79 -1.00
CA PHE D 95 -6.52 -21.02 0.18
C PHE D 95 -7.68 -21.73 0.91
N GLU D 96 -8.70 -22.09 0.14
CA GLU D 96 -10.02 -22.43 0.71
C GLU D 96 -10.43 -23.92 0.85
N GLU D 97 -9.94 -24.79 -0.04
CA GLU D 97 -10.34 -26.20 -0.07
C GLU D 97 -9.54 -27.09 0.88
N ILE D 98 -10.20 -28.10 1.45
CA ILE D 98 -9.53 -29.17 2.21
C ILE D 98 -8.64 -30.00 1.28
N TYR D 99 -9.15 -30.25 0.07
CA TYR D 99 -8.45 -30.97 -0.98
C TYR D 99 -8.51 -30.16 -2.28
N PRO D 100 -7.59 -29.20 -2.46
CA PRO D 100 -7.60 -28.58 -3.79
C PRO D 100 -7.26 -29.63 -4.90
N PRO D 101 -7.69 -29.38 -6.16
CA PRO D 101 -7.12 -30.22 -7.20
C PRO D 101 -5.59 -30.02 -7.34
N GLU D 102 -4.87 -31.09 -7.69
CA GLU D 102 -3.41 -31.00 -7.89
C GLU D 102 -3.15 -30.17 -9.15
N VAL D 103 -1.92 -29.66 -9.32
CA VAL D 103 -1.66 -28.71 -10.41
C VAL D 103 -2.01 -29.28 -11.80
N ALA D 104 -1.57 -30.52 -12.06
CA ALA D 104 -1.92 -31.26 -13.29
C ALA D 104 -3.39 -31.09 -13.77
N GLU D 105 -4.33 -31.14 -12.83
CA GLU D 105 -5.76 -30.99 -13.15
C GLU D 105 -6.12 -29.61 -13.72
N PHE D 106 -5.64 -28.53 -13.10
CA PHE D 106 -5.74 -27.16 -13.62
C PHE D 106 -5.12 -26.93 -15.01
N VAL D 107 -4.06 -27.67 -15.32
CA VAL D 107 -3.48 -27.65 -16.67
C VAL D 107 -4.38 -28.42 -17.65
N TYR D 108 -4.87 -29.57 -17.20
CA TYR D 108 -5.76 -30.40 -18.00
C TYR D 108 -7.03 -29.66 -18.44
N ILE D 109 -7.65 -28.87 -17.55
CA ILE D 109 -8.88 -28.11 -17.91
C ILE D 109 -8.73 -26.95 -18.89
N THR D 110 -7.49 -26.50 -19.11
CA THR D 110 -7.20 -25.53 -20.19
C THR D 110 -7.01 -26.18 -21.58
N ASP D 111 -7.42 -27.45 -21.73
CA ASP D 111 -7.24 -28.30 -22.96
C ASP D 111 -5.83 -28.23 -23.55
N ASP D 112 -4.82 -28.16 -22.68
CA ASP D 112 -3.40 -28.04 -23.06
C ASP D 112 -3.02 -26.74 -23.84
N THR D 113 -3.72 -25.64 -23.52
CA THR D 113 -3.41 -24.29 -24.05
C THR D 113 -2.13 -23.75 -23.39
N TYR D 114 -1.97 -24.04 -22.11
CA TYR D 114 -0.82 -23.59 -21.35
C TYR D 114 -0.06 -24.80 -20.80
N THR D 115 1.20 -24.62 -20.44
CA THR D 115 1.93 -25.68 -19.80
C THR D 115 1.79 -25.48 -18.30
N LYS D 116 2.19 -26.50 -17.54
CA LYS D 116 2.25 -26.50 -16.11
C LYS D 116 3.21 -25.43 -15.58
N LYS D 117 4.28 -25.20 -16.34
CA LYS D 117 5.31 -24.24 -16.01
C LYS D 117 4.72 -22.84 -16.08
N GLN D 118 3.97 -22.55 -17.15
CA GLN D 118 3.24 -21.30 -17.30
C GLN D 118 2.26 -21.06 -16.14
N VAL D 119 1.52 -22.11 -15.75
CA VAL D 119 0.47 -21.98 -14.73
C VAL D 119 1.13 -21.64 -13.40
N LEU D 120 2.20 -22.36 -13.14
CA LEU D 120 2.93 -22.26 -11.91
C LEU D 120 3.67 -20.91 -11.84
N ARG D 121 4.19 -20.43 -12.98
CA ARG D 121 4.81 -19.11 -13.06
C ARG D 121 3.77 -17.98 -12.91
N MET D 122 2.57 -18.15 -13.47
CA MET D 122 1.47 -17.20 -13.26
C MET D 122 0.93 -17.24 -11.83
N GLU D 123 0.86 -18.41 -11.22
CA GLU D 123 0.50 -18.49 -9.82
C GLU D 123 1.30 -17.52 -8.98
N HIS D 124 2.62 -17.59 -9.16
CA HIS D 124 3.65 -16.71 -8.57
C HIS D 124 3.49 -15.21 -8.91
N LEU D 125 3.31 -14.91 -10.19
CA LEU D 125 3.01 -13.55 -10.59
C LEU D 125 1.70 -13.06 -9.93
N VAL D 126 0.66 -13.87 -9.91
CA VAL D 126 -0.56 -13.51 -9.18
C VAL D 126 -0.29 -13.13 -7.70
N LEU D 127 0.45 -13.95 -6.97
CA LEU D 127 0.80 -13.65 -5.58
C LEU D 127 1.53 -12.34 -5.34
N LYS D 128 2.53 -12.08 -6.17
CA LYS D 128 3.32 -10.87 -6.16
C LYS D 128 2.44 -9.66 -6.42
N VAL D 129 1.61 -9.76 -7.45
CA VAL D 129 0.72 -8.65 -7.78
C VAL D 129 -0.32 -8.35 -6.69
N LEU D 130 -0.88 -9.41 -6.12
CA LEU D 130 -1.85 -9.26 -5.04
C LEU D 130 -1.18 -9.16 -3.68
N THR D 131 0.15 -9.07 -3.68
CA THR D 131 1.01 -9.07 -2.48
C THR D 131 0.65 -10.11 -1.41
N PHE D 132 0.20 -11.30 -1.83
CA PHE D 132 -0.20 -12.42 -0.93
C PHE D 132 -1.46 -12.15 -0.13
N ASP D 133 -2.21 -11.13 -0.54
CA ASP D 133 -3.42 -10.71 0.16
C ASP D 133 -4.64 -11.40 -0.42
N LEU D 134 -4.84 -12.64 0.04
CA LEU D 134 -5.80 -13.58 -0.55
C LEU D 134 -7.08 -13.74 0.25
N ALA D 135 -7.11 -13.14 1.43
CA ALA D 135 -8.15 -13.35 2.41
C ALA D 135 -9.25 -12.28 2.25
N ALA D 136 -9.87 -12.30 1.07
CA ALA D 136 -10.84 -11.29 0.66
C ALA D 136 -12.27 -11.73 1.00
N PRO D 137 -13.13 -10.80 1.50
CA PRO D 137 -14.55 -11.05 1.69
C PRO D 137 -15.26 -11.25 0.35
N THR D 138 -16.17 -12.22 0.30
CA THR D 138 -16.97 -12.45 -0.90
C THR D 138 -18.44 -12.25 -0.57
N VAL D 139 -19.26 -12.18 -1.62
CA VAL D 139 -20.71 -12.23 -1.53
C VAL D 139 -21.17 -13.46 -0.72
N ASN D 140 -20.51 -14.58 -0.98
CA ASN D 140 -20.77 -15.86 -0.32
C ASN D 140 -20.64 -15.76 1.20
N GLN D 141 -19.56 -15.14 1.65
CA GLN D 141 -19.30 -14.94 3.09
C GLN D 141 -20.35 -14.10 3.83
N PHE D 142 -20.93 -13.12 3.14
CA PHE D 142 -21.92 -12.24 3.75
C PHE D 142 -23.29 -12.89 3.79
N LEU D 143 -23.67 -13.54 2.69
CA LEU D 143 -24.91 -14.29 2.57
C LEU D 143 -25.01 -15.33 3.68
N THR D 144 -23.94 -16.11 3.84
CA THR D 144 -23.85 -17.17 4.85
C THR D 144 -24.18 -16.60 6.26
N GLN D 145 -23.83 -15.34 6.48
CA GLN D 145 -24.14 -14.59 7.70
C GLN D 145 -25.58 -14.09 7.75
N TYR D 146 -26.15 -13.80 6.58
CA TYR D 146 -27.50 -13.28 6.48
C TYR D 146 -28.51 -14.44 6.64
N PHE D 147 -28.06 -15.65 6.32
CA PHE D 147 -28.85 -16.86 6.44
C PHE D 147 -29.17 -17.23 7.90
N LEU D 148 -28.26 -16.90 8.81
CA LEU D 148 -28.44 -17.15 10.25
C LEU D 148 -29.61 -16.38 10.89
N HIS D 149 -30.06 -15.32 10.24
CA HIS D 149 -31.22 -14.51 10.68
C HIS D 149 -32.57 -15.07 10.22
N GLN D 150 -32.53 -16.07 9.35
CA GLN D 150 -33.75 -16.78 8.92
C GLN D 150 -34.46 -17.45 10.09
N GLN D 151 -35.57 -16.87 10.49
CA GLN D 151 -36.44 -17.52 11.45
C GLN D 151 -37.73 -17.94 10.75
N PRO D 152 -37.93 -19.25 10.52
CA PRO D 152 -37.00 -20.38 10.66
C PRO D 152 -36.17 -20.64 9.40
N ALA D 153 -35.17 -21.53 9.51
CA ALA D 153 -34.27 -21.84 8.40
C ALA D 153 -35.03 -22.32 7.15
N ASN D 154 -34.45 -22.07 5.99
CA ASN D 154 -35.07 -22.40 4.70
C ASN D 154 -34.01 -22.49 3.58
N CYS D 155 -33.66 -23.73 3.21
CA CYS D 155 -32.61 -23.96 2.21
C CYS D 155 -33.10 -23.86 0.76
N LYS D 156 -34.35 -23.40 0.58
CA LYS D 156 -34.85 -23.01 -0.74
C LYS D 156 -34.31 -21.61 -1.09
N VAL D 157 -34.55 -20.65 -0.19
CA VAL D 157 -34.08 -19.26 -0.28
C VAL D 157 -32.55 -19.19 -0.44
N GLU D 158 -31.86 -19.91 0.44
CA GLU D 158 -30.42 -19.93 0.46
C GLU D 158 -29.79 -20.20 -0.91
N SER D 159 -30.32 -21.22 -1.59
CA SER D 159 -29.89 -21.62 -2.93
C SER D 159 -30.14 -20.53 -3.99
N LEU D 160 -31.32 -19.92 -3.99
CA LEU D 160 -31.66 -18.88 -4.97
C LEU D 160 -30.90 -17.57 -4.76
N ALA D 161 -30.60 -17.27 -3.48
CA ALA D 161 -29.72 -16.15 -3.13
C ALA D 161 -28.29 -16.40 -3.63
N MET D 162 -27.78 -17.59 -3.35
CA MET D 162 -26.50 -18.08 -3.86
C MET D 162 -26.43 -18.14 -5.39
N PHE D 163 -27.53 -18.51 -6.04
CA PHE D 163 -27.66 -18.49 -7.49
C PHE D 163 -27.48 -17.07 -8.05
N LEU D 164 -28.23 -16.13 -7.44
CA LEU D 164 -28.24 -14.72 -7.85
C LEU D 164 -26.92 -14.03 -7.62
N GLY D 165 -26.34 -14.20 -6.43
CA GLY D 165 -24.99 -13.69 -6.14
C GLY D 165 -23.98 -14.14 -7.17
N GLU D 166 -24.10 -15.40 -7.59
CA GLU D 166 -23.24 -16.03 -8.58
C GLU D 166 -23.39 -15.51 -10.02
N LEU D 167 -24.60 -15.09 -10.39
CA LEU D 167 -24.87 -14.46 -11.70
C LEU D 167 -24.18 -13.10 -11.81
N SER D 168 -24.20 -12.34 -10.73
CA SER D 168 -23.49 -11.06 -10.65
C SER D 168 -21.96 -11.14 -10.87
N LEU D 169 -21.35 -12.33 -10.78
CA LEU D 169 -19.89 -12.46 -10.99
C LEU D 169 -19.51 -12.36 -12.46
N ILE D 170 -20.48 -12.56 -13.33
CA ILE D 170 -20.29 -12.70 -14.77
C ILE D 170 -20.06 -11.34 -15.44
N ASP D 171 -20.95 -10.42 -15.09
CA ASP D 171 -21.08 -9.08 -15.69
C ASP D 171 -20.42 -8.00 -14.83
N ALA D 172 -19.16 -7.69 -15.14
CA ALA D 172 -18.43 -6.58 -14.50
C ALA D 172 -19.21 -5.25 -14.61
N ASP D 173 -19.96 -5.10 -15.69
CA ASP D 173 -20.93 -4.01 -15.79
C ASP D 173 -22.31 -4.65 -15.65
N PRO D 174 -23.04 -4.30 -14.57
CA PRO D 174 -22.75 -3.24 -13.60
C PRO D 174 -22.16 -3.64 -12.23
N TYR D 175 -21.92 -4.93 -11.97
CA TYR D 175 -21.72 -5.39 -10.59
C TYR D 175 -20.39 -5.09 -9.90
N LEU D 176 -19.41 -4.66 -10.69
CA LEU D 176 -18.11 -4.29 -10.18
C LEU D 176 -18.20 -3.02 -9.35
N LYS D 177 -19.24 -2.22 -9.64
CA LYS D 177 -19.50 -1.01 -8.86
C LYS D 177 -20.28 -1.23 -7.55
N TYR D 178 -20.52 -2.49 -7.19
CA TYR D 178 -21.19 -2.82 -5.93
C TYR D 178 -20.30 -3.64 -5.00
N LEU D 179 -20.38 -3.32 -3.71
CA LEU D 179 -19.63 -4.03 -2.65
C LEU D 179 -20.29 -5.36 -2.32
N PRO D 180 -19.48 -6.43 -2.05
CA PRO D 180 -20.03 -7.77 -1.76
C PRO D 180 -21.13 -7.85 -0.69
N SER D 181 -21.18 -6.89 0.22
CA SER D 181 -22.28 -6.79 1.21
C SER D 181 -23.58 -6.23 0.61
N VAL D 182 -23.46 -5.49 -0.48
CA VAL D 182 -24.59 -4.86 -1.16
C VAL D 182 -25.17 -5.78 -2.27
N ILE D 183 -24.32 -6.64 -2.82
CA ILE D 183 -24.75 -7.71 -3.72
C ILE D 183 -25.41 -8.80 -2.87
N ALA D 184 -24.68 -9.26 -1.84
CA ALA D 184 -25.22 -10.19 -0.82
C ALA D 184 -26.56 -9.71 -0.22
N GLY D 185 -26.70 -8.39 -0.09
CA GLY D 185 -27.95 -7.78 0.36
C GLY D 185 -29.10 -7.90 -0.62
N ALA D 186 -28.89 -7.46 -1.86
CA ALA D 186 -29.93 -7.53 -2.88
C ALA D 186 -30.30 -8.99 -3.23
N ALA D 187 -29.34 -9.90 -3.06
CA ALA D 187 -29.53 -11.34 -3.30
C ALA D 187 -30.41 -12.03 -2.26
N PHE D 188 -30.27 -11.63 -0.99
CA PHE D 188 -30.99 -12.26 0.10
C PHE D 188 -32.44 -11.75 0.20
N HIS D 189 -32.61 -10.44 0.03
CA HIS D 189 -33.92 -9.85 -0.10
C HIS D 189 -34.68 -10.46 -1.30
N LEU D 190 -34.05 -10.45 -2.47
CA LEU D 190 -34.67 -10.97 -3.71
C LEU D 190 -34.93 -12.49 -3.72
N ALA D 191 -34.26 -13.23 -2.83
CA ALA D 191 -34.56 -14.66 -2.64
C ALA D 191 -35.71 -14.88 -1.63
N LEU D 192 -35.88 -13.93 -0.73
CA LEU D 192 -36.95 -13.96 0.28
C LEU D 192 -38.26 -13.47 -0.34
N TYR D 193 -38.14 -12.68 -1.41
CA TYR D 193 -39.32 -12.21 -2.14
C TYR D 193 -39.96 -13.32 -2.98
N THR D 194 -39.14 -13.99 -3.78
CA THR D 194 -39.59 -15.05 -4.71
C THR D 194 -40.24 -16.24 -4.00
N VAL D 195 -39.49 -16.89 -3.09
CA VAL D 195 -39.94 -18.09 -2.38
C VAL D 195 -41.10 -17.86 -1.41
N THR D 196 -40.93 -16.85 -0.53
CA THR D 196 -41.83 -16.69 0.63
C THR D 196 -42.76 -15.48 0.54
N GLY D 197 -42.29 -14.41 -0.12
CA GLY D 197 -43.06 -13.17 -0.23
C GLY D 197 -42.69 -12.06 0.83
N GLN D 198 -41.53 -12.55 1.59
CA GLN D 198 -41.02 -11.66 2.65
C GLN D 198 -40.01 -10.66 2.07
N SER D 199 -39.51 -9.79 3.02
CA SER D 199 -38.51 -8.78 2.65
C SER D 199 -37.36 -8.77 3.65
N TRP D 200 -36.24 -8.06 3.20
CA TRP D 200 -35.16 -7.63 4.08
C TRP D 200 -35.59 -7.60 5.58
N PRO D 201 -35.14 -8.62 6.35
CA PRO D 201 -35.42 -8.79 7.80
C PRO D 201 -34.99 -7.61 8.68
N GLU D 202 -35.74 -7.46 9.79
CA GLU D 202 -35.54 -6.36 10.76
C GLU D 202 -34.21 -6.44 11.52
N SER D 203 -33.81 -7.67 11.87
CA SER D 203 -32.55 -7.89 12.58
C SER D 203 -31.34 -7.68 11.67
N LEU D 204 -31.59 -7.67 10.36
CA LEU D 204 -30.56 -7.33 9.36
C LEU D 204 -30.48 -5.83 9.08
N ILE D 205 -31.41 -5.05 9.68
CA ILE D 205 -31.32 -3.59 9.63
C ILE D 205 -30.29 -3.12 10.68
N ARG D 206 -30.33 -3.81 11.91
CA ARG D 206 -29.41 -3.43 12.99
C ARG D 206 -28.00 -3.95 12.73
N LYS D 207 -27.92 -5.03 11.94
CA LYS D 207 -26.64 -5.66 11.63
C LYS D 207 -25.86 -4.87 10.58
N THR D 208 -26.46 -4.70 9.41
CA THR D 208 -25.77 -4.17 8.23
C THR D 208 -25.93 -2.65 8.06
N GLY D 209 -27.02 -2.11 8.60
CA GLY D 209 -27.28 -0.66 8.51
C GLY D 209 -27.76 -0.24 7.10
N TYR D 210 -28.35 -1.41 6.40
CA TYR D 210 -28.95 -1.17 5.08
C TYR D 210 -30.47 -1.23 5.14
N THR D 211 -31.12 -0.40 4.32
CA THR D 211 -32.57 -0.47 4.10
C THR D 211 -32.83 -0.74 2.61
N LEU D 212 -34.04 -1.23 2.28
CA LEU D 212 -34.44 -1.40 0.87
C LEU D 212 -34.00 -0.19 0.02
N GLU D 213 -34.12 1.00 0.63
CA GLU D 213 -33.60 2.25 0.08
C GLU D 213 -32.12 2.15 -0.33
N SER D 214 -31.24 1.90 0.65
CA SER D 214 -29.80 1.81 0.39
C SER D 214 -29.48 0.68 -0.59
N LEU D 215 -30.27 -0.40 -0.50
CA LEU D 215 -30.16 -1.55 -1.39
C LEU D 215 -30.65 -1.33 -2.82
N LYS D 216 -31.52 -0.35 -3.01
CA LYS D 216 -32.30 -0.12 -4.24
C LYS D 216 -31.52 -0.21 -5.57
N PRO D 217 -30.60 0.75 -5.84
CA PRO D 217 -29.92 0.70 -7.16
C PRO D 217 -29.36 -0.68 -7.55
N CYS D 218 -28.80 -1.42 -6.57
CA CYS D 218 -28.31 -2.79 -6.77
C CYS D 218 -29.43 -3.79 -7.13
N LEU D 219 -30.55 -3.69 -6.42
CA LEU D 219 -31.70 -4.58 -6.63
C LEU D 219 -32.30 -4.45 -8.03
N MET D 220 -32.31 -3.20 -8.53
CA MET D 220 -32.81 -2.91 -9.88
C MET D 220 -31.99 -3.67 -10.92
N ASP D 221 -30.67 -3.66 -10.76
CA ASP D 221 -29.77 -4.38 -11.65
C ASP D 221 -29.95 -5.91 -11.55
N LEU D 222 -29.86 -6.42 -10.32
CA LEU D 222 -30.01 -7.86 -10.04
C LEU D 222 -31.36 -8.46 -10.49
N HIS D 223 -32.41 -7.65 -10.37
CA HIS D 223 -33.74 -7.99 -10.87
C HIS D 223 -33.73 -8.21 -12.39
N GLN D 224 -33.19 -7.18 -13.12
CA GLN D 224 -32.99 -7.27 -14.58
C GLN D 224 -32.12 -8.48 -14.96
N THR D 225 -31.10 -8.77 -14.13
CA THR D 225 -30.21 -9.92 -14.35
C THR D 225 -30.96 -11.24 -14.28
N TYR D 226 -31.84 -11.36 -13.26
CA TYR D 226 -32.71 -12.53 -13.06
C TYR D 226 -33.70 -12.75 -14.20
N LEU D 227 -34.34 -11.68 -14.68
CA LEU D 227 -35.40 -11.80 -15.71
C LEU D 227 -34.80 -12.16 -17.07
N LYS D 228 -33.62 -11.61 -17.35
CA LYS D 228 -33.01 -11.79 -18.68
C LYS D 228 -31.97 -12.91 -18.75
N ALA D 229 -31.78 -13.58 -17.57
CA ALA D 229 -30.72 -14.61 -17.39
C ALA D 229 -30.85 -15.82 -18.36
N PRO D 230 -32.09 -16.29 -18.66
CA PRO D 230 -32.28 -17.29 -19.75
C PRO D 230 -31.61 -17.04 -21.11
N GLN D 231 -31.34 -15.72 -21.42
CA GLN D 231 -30.81 -15.38 -22.76
C GLN D 231 -29.37 -14.95 -22.72
N HIS D 232 -28.78 -14.96 -21.53
CA HIS D 232 -27.42 -14.55 -21.36
C HIS D 232 -26.54 -15.40 -22.27
N ALA D 233 -25.47 -14.74 -22.79
CA ALA D 233 -24.43 -15.46 -23.53
C ALA D 233 -23.85 -16.60 -22.68
N GLN D 234 -23.76 -16.39 -21.35
CA GLN D 234 -23.23 -17.38 -20.43
C GLN D 234 -24.35 -18.11 -19.68
N GLN D 235 -24.21 -19.44 -19.59
CA GLN D 235 -25.31 -20.31 -19.17
C GLN D 235 -24.99 -21.33 -18.05
N SER D 236 -23.71 -21.50 -17.71
CA SER D 236 -23.26 -22.47 -16.69
C SER D 236 -23.89 -22.36 -15.31
N ILE D 237 -24.09 -21.12 -14.82
CA ILE D 237 -24.72 -20.87 -13.51
C ILE D 237 -26.12 -21.43 -13.43
N ARG D 238 -26.93 -21.14 -14.45
CA ARG D 238 -28.26 -21.75 -14.57
C ARG D 238 -28.15 -23.27 -14.60
N GLU D 239 -27.22 -23.80 -15.40
CA GLU D 239 -27.07 -25.26 -15.57
C GLU D 239 -26.63 -25.95 -14.27
N LYS D 240 -25.90 -25.22 -13.43
CA LYS D 240 -25.52 -25.67 -12.10
C LYS D 240 -26.73 -25.72 -11.15
N TYR D 241 -27.58 -24.70 -11.21
CA TYR D 241 -28.57 -24.44 -10.16
C TYR D 241 -29.94 -25.07 -10.40
N LYS D 242 -30.00 -25.95 -11.39
CA LYS D 242 -31.16 -26.77 -11.69
C LYS D 242 -31.11 -28.08 -10.89
N ASN D 243 -29.91 -28.42 -10.41
CA ASN D 243 -29.66 -29.67 -9.67
C ASN D 243 -30.25 -29.68 -8.24
N SER D 244 -30.75 -30.85 -7.81
CA SER D 244 -31.30 -31.06 -6.46
C SER D 244 -30.44 -30.51 -5.30
N LYS D 245 -29.13 -30.62 -5.44
CA LYS D 245 -28.20 -30.10 -4.45
C LYS D 245 -28.36 -28.59 -4.24
N TYR D 246 -28.98 -27.90 -5.21
CA TYR D 246 -29.29 -26.48 -5.08
C TYR D 246 -30.77 -26.21 -5.19
N HIS D 247 -31.56 -27.28 -5.08
CA HIS D 247 -33.04 -27.24 -4.98
C HIS D 247 -33.79 -26.84 -6.27
N GLY D 248 -33.00 -26.76 -7.37
CA GLY D 248 -33.57 -26.55 -8.70
C GLY D 248 -34.04 -25.11 -8.98
N VAL D 249 -33.71 -24.24 -7.76
CA VAL D 249 -34.09 -22.81 -7.75
C VAL D 249 -33.87 -22.03 -9.08
N SER D 250 -32.68 -22.56 -9.87
CA SER D 250 -32.62 -22.04 -11.28
C SER D 250 -34.01 -22.02 -11.98
N LEU D 251 -34.70 -23.22 -12.00
CA LEU D 251 -35.91 -23.41 -12.83
C LEU D 251 -37.11 -22.49 -12.54
N LEU D 252 -37.27 -22.23 -11.08
CA LEU D 252 -38.42 -21.29 -10.72
C LEU D 252 -38.34 -19.99 -11.62
N ASN D 253 -39.47 -19.22 -11.68
CA ASN D 253 -39.51 -17.95 -12.44
C ASN D 253 -39.07 -16.78 -11.56
N PRO D 254 -38.52 -15.70 -12.28
CA PRO D 254 -38.30 -14.48 -11.52
C PRO D 254 -39.63 -13.80 -11.18
N PRO D 255 -39.64 -12.94 -10.15
CA PRO D 255 -40.84 -12.11 -10.06
C PRO D 255 -40.73 -11.08 -11.24
N GLU D 256 -41.95 -10.58 -11.70
CA GLU D 256 -42.11 -9.59 -12.68
C GLU D 256 -41.49 -8.25 -12.27
N THR D 257 -42.19 -7.68 -11.19
CA THR D 257 -41.58 -6.49 -10.53
C THR D 257 -41.59 -6.93 -8.99
N LEU D 258 -40.91 -5.76 -8.21
CA LEU D 258 -40.75 -6.02 -6.78
C LEU D 258 -41.61 -5.07 -5.93
N ASN D 259 -42.43 -4.25 -6.63
CA ASN D 259 -43.20 -3.16 -6.01
C ASN D 259 -42.32 -2.16 -5.23
N LEU D 260 -41.11 -1.92 -5.88
CA LEU D 260 -40.21 -0.89 -5.38
C LEU D 260 -40.19 0.31 -6.33
C22 QQ2 E . 10.96 6.16 -29.16
C1 QQ2 E . 7.93 3.96 -23.76
C5 QQ2 E . 8.88 4.18 -25.87
C4 QQ2 E . 10.00 4.78 -25.25
C3 QQ2 E . 10.05 4.96 -23.86
C11 QQ2 E . 13.90 7.83 -25.39
C10 QQ2 E . 14.07 6.46 -25.20
C9 QQ2 E . 13.14 5.71 -24.46
C8 QQ2 E . 12.00 6.33 -23.92
C12 QQ2 E . 12.78 8.46 -24.87
C17 QQ2 E . 10.53 6.41 -20.94
C16 QQ2 E . 11.29 5.39 -21.74
C13 QQ2 E . 11.85 7.72 -24.14
C20 QQ2 E . 9.52 4.47 -28.26
N2 QQ2 E . 8.98 4.54 -23.15
N6 QQ2 E . 7.86 3.77 -25.08
N7 QQ2 E . 11.10 5.56 -23.19
N18 QQ2 E . 9.91 7.19 -20.28
N19 QQ2 E . 8.75 3.96 -27.26
C21 QQ2 E . 10.17 5.69 -28.13
C23 QQ2 E . 11.13 5.44 -30.36
C24 QQ2 E . 10.46 4.22 -30.49
C25 QQ2 E . 9.67 3.76 -29.43
O26 QQ2 E . 11.92 6.00 -31.35
C27 QQ2 E . 12.25 5.34 -32.57
C28 QQ2 E . 13.49 5.88 -33.32
C29 QQ2 E . 14.19 7.13 -32.75
N30 QQ2 E . 15.37 7.48 -33.59
C31 QQ2 E . 16.68 7.72 -32.96
C32 QQ2 E . 15.28 7.76 -35.03
O33 QQ2 E . 14.44 4.80 -33.46
CL1 QQ2 E . 10.47 8.63 -23.53
C33 QQ2 E . 15.27 5.78 -25.77
C1 SGM F . 4.49 8.14 0.94
C2 SGM F . 3.89 7.62 -0.39
O2 SGM F . 3.68 8.69 -1.31
C3 SGM F . 2.55 6.91 -0.25
O3 SGM F . 2.57 5.85 0.73
S1 SGM F . 5.52 9.67 0.83
MG MG G . 12.69 2.06 22.41
C22 QQ2 H . 12.41 -21.29 19.37
C1 QQ2 H . 10.29 -16.31 15.80
C5 QQ2 H . 11.59 -17.78 17.05
C4 QQ2 H . 11.10 -18.86 16.29
C3 QQ2 H . 10.17 -18.59 15.27
C11 QQ2 H . 9.35 -23.60 15.60
C10 QQ2 H . 10.46 -23.10 14.90
C9 QQ2 H . 10.52 -21.75 14.55
C8 QQ2 H . 9.48 -20.86 14.88
C12 QQ2 H . 8.32 -22.75 15.93
C17 QQ2 H . 7.60 -18.61 13.33
C16 QQ2 H . 9.00 -19.08 13.22
C13 QQ2 H . 8.38 -21.39 15.57
C20 QQ2 H . 12.89 -19.05 18.67
N2 QQ2 H . 9.82 -17.31 15.06
N6 QQ2 H . 11.18 -16.54 16.77
N7 QQ2 H . 9.58 -19.53 14.50
N18 QQ2 H . 6.47 -18.28 13.29
N19 QQ2 H . 12.52 -17.89 18.10
C21 QQ2 H . 11.99 -20.11 18.78
C23 QQ2 H . 13.72 -21.39 19.86
C24 QQ2 H . 14.62 -20.32 19.76
C25 QQ2 H . 14.19 -19.15 19.14
O26 QQ2 H . 14.12 -22.56 20.45
C27 QQ2 H . 14.53 -23.66 19.67
C28 QQ2 H . 14.07 -24.88 20.46
C29 QQ2 H . 12.71 -25.34 19.89
N30 QQ2 H . 12.81 -26.43 18.93
C31 QQ2 H . 12.44 -27.76 19.41
C32 QQ2 H . 12.61 -26.12 17.51
O33 QQ2 H . 15.11 -25.86 20.46
CL1 QQ2 H . 6.99 -20.38 16.06
C33 QQ2 H . 11.58 -24.02 14.53
C1 SGM I . -6.51 -6.75 -0.35
C2 SGM I . -6.28 -5.68 0.72
O2 SGM I . -5.15 -4.92 0.27
C3 SGM I . -6.02 -6.30 2.11
O3 SGM I . -4.82 -5.77 2.68
S1 SGM I . -7.42 -8.22 0.18
#